data_1USL
#
_entry.id   1USL
#
_cell.length_a   136.420
_cell.length_b   102.390
_cell.length_c   69.610
_cell.angle_alpha   90.00
_cell.angle_beta   95.68
_cell.angle_gamma   90.00
#
_symmetry.space_group_name_H-M   'C 1 2 1'
#
loop_
_entity.id
_entity.type
_entity.pdbx_description
1 polymer 'RIBOSE 5-PHOSPHATE ISOMERASE B'
2 non-polymer 'PHOSPHATE ION'
3 water water
#
_entity_poly.entity_id   1
_entity_poly.type   'polypeptide(L)'
_entity_poly.pdbx_seq_one_letter_code
;MAHHHHHHMSGMRVYLGADHAGYELKQRIIEHLKQTGHEPIDCGALRYDADDDYPAFCIAAATRTVADPGSLGIVLGGSG
NGEQIAANKVPGARCALAWSVQTAALAREHNNAQLIGIGGRMHTVAEALAIVDAFVTTPWSKAQRHQRRIDILAEYERTH
EAPPVPGAPA
;
_entity_poly.pdbx_strand_id   A,B,C,D,E
#
loop_
_chem_comp.id
_chem_comp.type
_chem_comp.name
_chem_comp.formula
PO4 non-polymer 'PHOSPHATE ION' 'O4 P -3'
#
# COMPACT_ATOMS: atom_id res chain seq x y z
N GLY A 11 17.18 21.08 -27.96
CA GLY A 11 17.29 20.85 -26.50
C GLY A 11 18.49 21.56 -25.93
N MET A 12 18.31 22.83 -25.59
CA MET A 12 19.42 23.65 -25.08
C MET A 12 19.36 23.76 -23.54
N ARG A 13 18.20 24.07 -22.96
CA ARG A 13 18.00 23.86 -21.52
C ARG A 13 17.76 22.36 -21.28
N VAL A 14 18.48 21.77 -20.33
CA VAL A 14 18.37 20.34 -20.04
C VAL A 14 18.27 20.16 -18.53
N TYR A 15 17.15 19.60 -18.06
CA TYR A 15 16.91 19.36 -16.64
C TYR A 15 17.44 17.98 -16.28
N LEU A 16 18.21 17.91 -15.19
CA LEU A 16 18.80 16.65 -14.76
C LEU A 16 18.39 16.32 -13.33
N GLY A 17 18.14 15.03 -13.09
CA GLY A 17 17.80 14.53 -11.77
C GLY A 17 18.42 13.17 -11.51
N ALA A 18 18.78 12.91 -10.26
CA ALA A 18 19.37 11.64 -9.88
C ALA A 18 19.46 11.58 -8.35
N ASP A 19 19.26 10.41 -7.77
CA ASP A 19 19.64 10.20 -6.38
C ASP A 19 21.12 9.83 -6.35
N HIS A 20 21.60 9.43 -5.18
CA HIS A 20 22.99 9.05 -4.96
C HIS A 20 23.57 8.11 -6.01
N ALA A 21 22.75 7.20 -6.52
CA ALA A 21 23.18 6.18 -7.47
C ALA A 21 23.58 6.76 -8.82
N GLY A 22 22.97 7.87 -9.20
CA GLY A 22 23.32 8.56 -10.44
C GLY A 22 24.02 9.89 -10.25
N TYR A 23 24.36 10.25 -9.00
CA TYR A 23 24.85 11.58 -8.67
C TYR A 23 26.16 11.97 -9.34
N GLU A 24 27.17 11.11 -9.23
CA GLU A 24 28.48 11.39 -9.82
C GLU A 24 28.39 11.50 -11.33
N LEU A 25 27.64 10.61 -11.97
CA LEU A 25 27.48 10.66 -13.42
C LEU A 25 26.71 11.92 -13.84
N LYS A 26 25.70 12.29 -13.06
CA LYS A 26 24.94 13.52 -13.32
C LYS A 26 25.87 14.74 -13.34
N GLN A 27 26.79 14.81 -12.38
CA GLN A 27 27.69 15.94 -12.27
C GLN A 27 28.64 15.99 -13.48
N ARG A 28 29.11 14.82 -13.90
CA ARG A 28 29.93 14.69 -15.11
C ARG A 28 29.17 15.15 -16.36
N ILE A 29 27.87 14.82 -16.44
CA ILE A 29 27.05 15.17 -17.60
C ILE A 29 26.73 16.68 -17.64
N ILE A 30 26.48 17.27 -16.47
CA ILE A 30 26.27 18.71 -16.36
C ILE A 30 27.49 19.47 -16.91
N GLU A 31 28.70 19.03 -16.54
CA GLU A 31 29.92 19.69 -17.02
C GLU A 31 30.06 19.50 -18.53
N HIS A 32 29.76 18.29 -19.02
CA HIS A 32 29.84 17.98 -20.44
C HIS A 32 28.85 18.83 -21.24
N LEU A 33 27.66 19.06 -20.69
CA LEU A 33 26.63 19.85 -21.38
C LEU A 33 27.01 21.33 -21.44
N LYS A 34 27.64 21.84 -20.39
CA LYS A 34 28.16 23.20 -20.37
C LYS A 34 29.19 23.35 -21.50
N GLN A 35 30.11 22.39 -21.58
CA GLN A 35 31.19 22.41 -22.57
C GLN A 35 30.71 22.27 -24.02
N THR A 36 29.52 21.70 -24.25
CA THR A 36 28.98 21.52 -25.60
C THR A 36 27.89 22.54 -25.96
N GLY A 37 27.73 23.56 -25.13
CA GLY A 37 26.93 24.73 -25.47
C GLY A 37 25.49 24.71 -24.97
N HIS A 38 25.15 23.76 -24.11
CA HIS A 38 23.81 23.64 -23.55
C HIS A 38 23.76 24.29 -22.17
N GLU A 39 22.55 24.42 -21.62
CA GLU A 39 22.35 24.98 -20.29
C GLU A 39 21.75 23.93 -19.36
N PRO A 40 22.60 23.14 -18.71
CA PRO A 40 22.11 22.13 -17.78
C PRO A 40 21.53 22.78 -16.53
N ILE A 41 20.41 22.26 -16.05
CA ILE A 41 19.74 22.74 -14.85
C ILE A 41 19.59 21.57 -13.89
N ASP A 42 20.24 21.66 -12.74
CA ASP A 42 20.29 20.56 -11.77
C ASP A 42 19.04 20.57 -10.89
N CYS A 43 18.19 19.57 -11.03
CA CYS A 43 17.01 19.41 -10.19
C CYS A 43 17.31 18.72 -8.84
N GLY A 44 18.54 18.26 -8.68
CA GLY A 44 18.97 17.54 -7.49
C GLY A 44 19.18 16.07 -7.84
N ALA A 45 19.88 15.31 -7.00
CA ALA A 45 20.46 15.75 -5.75
C ALA A 45 21.64 16.68 -5.97
N LEU A 46 21.73 17.71 -5.12
CA LEU A 46 22.79 18.72 -5.19
C LEU A 46 24.07 18.28 -4.47
N ARG A 47 23.95 17.25 -3.65
CA ARG A 47 25.11 16.61 -3.02
C ARG A 47 24.89 15.11 -2.94
N TYR A 48 25.97 14.37 -2.74
CA TYR A 48 25.87 12.93 -2.49
C TYR A 48 25.30 12.65 -1.09
N ASP A 49 24.15 11.99 -1.07
CA ASP A 49 23.52 11.50 0.15
C ASP A 49 23.11 10.06 -0.13
N ALA A 50 23.85 9.13 0.46
CA ALA A 50 23.72 7.70 0.19
C ALA A 50 22.30 7.15 0.41
N ASP A 51 21.50 7.83 1.22
CA ASP A 51 20.18 7.36 1.61
C ASP A 51 19.01 8.15 1.03
N ASP A 52 19.27 9.03 0.07
CA ASP A 52 18.17 9.74 -0.60
C ASP A 52 17.48 8.84 -1.62
N ASP A 53 16.34 9.32 -2.13
CA ASP A 53 15.45 8.51 -2.94
C ASP A 53 15.15 9.23 -4.25
N TYR A 54 15.29 8.52 -5.37
CA TYR A 54 15.22 9.13 -6.70
C TYR A 54 13.86 9.75 -7.13
N PRO A 55 12.70 9.19 -6.74
CA PRO A 55 11.43 9.64 -7.36
C PRO A 55 11.22 11.15 -7.37
N ALA A 56 11.51 11.85 -6.28
CA ALA A 56 11.29 13.32 -6.24
C ALA A 56 12.14 14.07 -7.27
N PHE A 57 13.38 13.64 -7.47
CA PHE A 57 14.28 14.28 -8.43
C PHE A 57 13.84 14.01 -9.87
N CYS A 58 13.32 12.81 -10.13
CA CYS A 58 12.90 12.42 -11.47
C CYS A 58 11.58 13.07 -11.83
N ILE A 59 10.69 13.16 -10.85
CA ILE A 59 9.41 13.85 -11.02
C ILE A 59 9.65 15.33 -11.25
N ALA A 60 10.59 15.90 -10.51
CA ALA A 60 10.94 17.31 -10.66
C ALA A 60 11.51 17.58 -12.06
N ALA A 61 12.42 16.73 -12.50
CA ALA A 61 13.06 16.90 -13.80
C ALA A 61 12.06 16.77 -14.94
N ALA A 62 11.16 15.78 -14.86
CA ALA A 62 10.16 15.56 -15.90
C ALA A 62 9.09 16.64 -15.91
N THR A 63 8.65 17.09 -14.73
CA THR A 63 7.66 18.17 -14.64
C THR A 63 8.21 19.44 -15.27
N ARG A 64 9.43 19.80 -14.90
CA ARG A 64 10.06 21.03 -15.35
C ARG A 64 10.35 20.99 -16.86
N THR A 65 10.70 19.81 -17.37
CA THR A 65 10.95 19.62 -18.81
C THR A 65 9.67 19.80 -19.62
N VAL A 66 8.62 19.12 -19.19
CA VAL A 66 7.34 19.18 -19.88
C VAL A 66 6.75 20.61 -19.85
N ALA A 67 7.04 21.34 -18.77
CA ALA A 67 6.56 22.71 -18.58
C ALA A 67 7.38 23.74 -19.35
N ASP A 68 8.49 23.32 -19.95
CA ASP A 68 9.45 24.20 -20.59
C ASP A 68 9.62 23.82 -22.07
N PRO A 69 8.89 24.49 -22.96
CA PRO A 69 8.92 24.16 -24.39
C PRO A 69 10.33 24.20 -25.00
N GLY A 70 10.69 23.13 -25.72
CA GLY A 70 11.99 23.07 -26.37
C GLY A 70 13.13 22.52 -25.52
N SER A 71 12.86 22.28 -24.24
CA SER A 71 13.85 21.70 -23.33
C SER A 71 13.83 20.16 -23.39
N LEU A 72 14.88 19.58 -22.84
CA LEU A 72 14.98 18.14 -22.66
C LEU A 72 15.37 17.85 -21.21
N GLY A 73 15.37 16.58 -20.85
CA GLY A 73 15.70 16.18 -19.50
C GLY A 73 16.39 14.83 -19.47
N ILE A 74 17.22 14.62 -18.45
CA ILE A 74 17.94 13.37 -18.28
C ILE A 74 17.91 12.96 -16.80
N VAL A 75 17.54 11.71 -16.55
CA VAL A 75 17.52 11.18 -15.20
C VAL A 75 18.53 10.03 -15.16
N LEU A 76 19.33 9.98 -14.11
CA LEU A 76 20.44 9.04 -14.02
C LEU A 76 20.23 8.18 -12.79
N GLY A 77 20.50 6.89 -12.93
CA GLY A 77 20.41 5.96 -11.82
C GLY A 77 21.44 4.87 -11.98
N GLY A 78 21.24 3.75 -11.28
CA GLY A 78 22.10 2.60 -11.45
C GLY A 78 21.83 1.96 -12.79
N SER A 79 20.58 1.52 -12.97
CA SER A 79 20.12 1.01 -14.25
C SER A 79 19.33 2.06 -15.02
N GLY A 80 18.82 3.06 -14.31
CA GLY A 80 17.99 4.07 -14.93
C GLY A 80 16.51 3.69 -14.98
N ASN A 81 16.18 2.45 -14.60
CA ASN A 81 14.83 1.95 -14.84
C ASN A 81 13.80 2.50 -13.89
N GLY A 82 14.13 2.56 -12.59
CA GLY A 82 13.27 3.20 -11.62
C GLY A 82 13.02 4.66 -11.99
N GLU A 83 14.08 5.30 -12.48
CA GLU A 83 14.08 6.72 -12.77
C GLU A 83 13.16 7.03 -13.95
N GLN A 84 13.24 6.26 -15.03
CA GLN A 84 12.36 6.49 -16.19
C GLN A 84 10.91 6.16 -15.85
N ILE A 85 10.69 5.14 -15.02
CA ILE A 85 9.34 4.80 -14.57
C ILE A 85 8.72 5.98 -13.84
N ALA A 86 9.48 6.60 -12.95
CA ALA A 86 9.02 7.76 -12.20
C ALA A 86 8.72 8.94 -13.12
N ALA A 87 9.65 9.24 -14.02
CA ALA A 87 9.50 10.33 -14.97
C ALA A 87 8.24 10.14 -15.85
N ASN A 88 7.99 8.90 -16.26
CA ASN A 88 6.82 8.60 -17.08
C ASN A 88 5.46 8.74 -16.38
N LYS A 89 5.44 8.83 -15.05
CA LYS A 89 4.19 9.10 -14.34
C LYS A 89 3.77 10.57 -14.44
N VAL A 90 4.70 11.45 -14.81
CA VAL A 90 4.39 12.88 -14.98
C VAL A 90 3.50 13.07 -16.23
N PRO A 91 2.34 13.71 -16.10
CA PRO A 91 1.50 13.98 -17.27
C PRO A 91 2.25 14.69 -18.41
N GLY A 92 2.14 14.16 -19.62
CA GLY A 92 2.80 14.74 -20.78
C GLY A 92 4.24 14.28 -21.01
N ALA A 93 4.84 13.59 -20.04
CA ALA A 93 6.23 13.16 -20.14
C ALA A 93 6.35 11.86 -20.93
N ARG A 94 7.40 11.77 -21.73
CA ARG A 94 7.78 10.55 -22.44
C ARG A 94 9.28 10.38 -22.17
N CYS A 95 9.61 9.41 -21.33
CA CYS A 95 10.98 9.15 -20.94
C CYS A 95 11.39 7.76 -21.41
N ALA A 96 12.31 7.72 -22.36
CA ALA A 96 12.90 6.49 -22.82
C ALA A 96 14.06 6.08 -21.91
N LEU A 97 14.42 4.82 -21.95
CA LEU A 97 15.64 4.35 -21.34
C LEU A 97 16.66 4.23 -22.46
N ALA A 98 17.70 5.05 -22.41
CA ALA A 98 18.72 5.07 -23.44
C ALA A 98 19.93 4.28 -22.96
N TRP A 99 20.22 3.18 -23.65
CA TRP A 99 21.37 2.32 -23.34
C TRP A 99 22.39 2.23 -24.48
N SER A 100 22.19 3.05 -25.49
CA SER A 100 23.06 3.09 -26.66
C SER A 100 22.81 4.37 -27.43
N VAL A 101 23.73 4.71 -28.32
CA VAL A 101 23.53 5.84 -29.21
C VAL A 101 22.27 5.65 -30.07
N GLN A 102 22.04 4.41 -30.51
CA GLN A 102 20.88 4.10 -31.34
C GLN A 102 19.56 4.34 -30.60
N THR A 103 19.45 3.88 -29.35
CA THR A 103 18.19 4.04 -28.61
C THR A 103 17.96 5.48 -28.16
N ALA A 104 19.02 6.23 -27.89
CA ALA A 104 18.91 7.65 -27.59
C ALA A 104 18.39 8.41 -28.79
N ALA A 105 18.87 8.06 -29.97
CA ALA A 105 18.47 8.71 -31.22
C ALA A 105 17.04 8.36 -31.57
N LEU A 106 16.69 7.08 -31.50
CA LEU A 106 15.35 6.63 -31.80
C LEU A 106 14.34 7.24 -30.81
N ALA A 107 14.75 7.46 -29.58
CA ALA A 107 13.87 8.07 -28.57
C ALA A 107 13.40 9.43 -29.04
N ARG A 108 14.31 10.22 -29.62
CA ARG A 108 13.95 11.53 -30.17
C ARG A 108 13.15 11.40 -31.46
N GLU A 109 13.67 10.59 -32.37
CA GLU A 109 13.19 10.49 -33.75
C GLU A 109 11.78 9.88 -33.83
N HIS A 110 11.54 8.82 -33.07
CA HIS A 110 10.27 8.09 -33.12
C HIS A 110 9.29 8.44 -32.01
N ASN A 111 9.80 8.66 -30.80
CA ASN A 111 8.94 8.83 -29.63
C ASN A 111 8.80 10.27 -29.18
N ASN A 112 9.54 11.18 -29.82
CA ASN A 112 9.68 12.56 -29.37
C ASN A 112 9.88 12.64 -27.85
N ALA A 113 10.69 11.74 -27.31
CA ALA A 113 10.95 11.70 -25.87
C ALA A 113 11.61 12.99 -25.45
N GLN A 114 11.01 13.65 -24.47
CA GLN A 114 11.66 14.84 -23.90
C GLN A 114 12.72 14.44 -22.87
N LEU A 115 12.65 13.22 -22.35
CA LEU A 115 13.60 12.74 -21.36
C LEU A 115 14.17 11.37 -21.72
N ILE A 116 15.38 11.10 -21.25
CA ILE A 116 15.92 9.73 -21.17
C ILE A 116 16.42 9.42 -19.78
N GLY A 117 16.31 8.15 -19.40
CA GLY A 117 17.02 7.59 -18.26
C GLY A 117 18.31 6.95 -18.77
N ILE A 118 19.39 7.08 -18.01
CA ILE A 118 20.62 6.35 -18.30
C ILE A 118 21.05 5.62 -17.06
N GLY A 119 21.48 4.38 -17.24
CA GLY A 119 21.99 3.56 -16.15
C GLY A 119 23.50 3.68 -16.04
N GLY A 120 23.96 4.56 -15.16
CA GLY A 120 25.38 4.82 -14.98
C GLY A 120 26.26 3.61 -14.70
N ARG A 121 25.71 2.59 -14.04
CA ARG A 121 26.44 1.34 -13.76
C ARG A 121 26.58 0.41 -14.97
N MET A 122 25.87 0.72 -16.06
CA MET A 122 25.85 -0.12 -17.25
C MET A 122 26.82 0.35 -18.32
N HIS A 123 27.45 1.50 -18.11
CA HIS A 123 28.27 2.14 -19.14
C HIS A 123 29.50 2.80 -18.55
N THR A 124 30.54 2.91 -19.36
CA THR A 124 31.67 3.79 -19.05
C THR A 124 31.17 5.23 -19.16
N VAL A 125 31.90 6.15 -18.57
CA VAL A 125 31.56 7.57 -18.70
C VAL A 125 31.54 7.97 -20.18
N ALA A 126 32.52 7.53 -20.95
CA ALA A 126 32.59 7.87 -22.37
C ALA A 126 31.35 7.42 -23.11
N GLU A 127 30.91 6.19 -22.86
CA GLU A 127 29.73 5.63 -23.51
C GLU A 127 28.50 6.44 -23.13
N ALA A 128 28.42 6.83 -21.86
CA ALA A 128 27.30 7.60 -21.33
C ALA A 128 27.22 8.99 -21.96
N LEU A 129 28.36 9.64 -22.11
CA LEU A 129 28.39 10.97 -22.72
C LEU A 129 28.00 10.90 -24.19
N ALA A 130 28.30 9.78 -24.85
CA ALA A 130 27.93 9.57 -26.25
C ALA A 130 26.43 9.35 -26.41
N ILE A 131 25.83 8.65 -25.44
CA ILE A 131 24.38 8.53 -25.38
C ILE A 131 23.74 9.91 -25.24
N VAL A 132 24.29 10.72 -24.33
CA VAL A 132 23.81 12.09 -24.11
C VAL A 132 23.90 12.93 -25.38
N ASP A 133 25.02 12.82 -26.08
CA ASP A 133 25.23 13.58 -27.33
C ASP A 133 24.20 13.22 -28.38
N ALA A 134 23.94 11.93 -28.56
CA ALA A 134 22.91 11.48 -29.49
C ALA A 134 21.53 12.01 -29.08
N PHE A 135 21.26 12.04 -27.79
CA PHE A 135 19.96 12.48 -27.29
C PHE A 135 19.69 13.95 -27.58
N VAL A 136 20.69 14.79 -27.34
CA VAL A 136 20.49 16.24 -27.46
C VAL A 136 20.68 16.78 -28.88
N THR A 137 21.17 15.94 -29.81
CA THR A 137 21.38 16.38 -31.20
C THR A 137 20.41 15.77 -32.21
N THR A 138 19.72 14.69 -31.85
CA THR A 138 18.85 14.01 -32.80
C THR A 138 17.50 14.72 -32.85
N PRO A 139 17.09 15.16 -34.04
CA PRO A 139 15.80 15.83 -34.19
C PRO A 139 14.61 14.87 -34.11
N TRP A 140 13.53 15.40 -33.58
CA TRP A 140 12.20 14.78 -33.66
C TRP A 140 11.78 14.76 -35.14
N SER A 141 11.38 13.59 -35.63
CA SER A 141 11.05 13.39 -37.05
C SER A 141 9.80 14.15 -37.51
N LYS A 142 8.83 14.31 -36.60
CA LYS A 142 7.52 14.89 -36.90
C LYS A 142 6.69 14.07 -37.90
N ALA A 143 7.09 12.82 -38.13
CA ALA A 143 6.38 11.95 -39.08
C ALA A 143 5.01 11.58 -38.57
N GLN A 144 4.06 11.47 -39.50
CA GLN A 144 2.65 11.28 -39.20
C GLN A 144 2.36 10.14 -38.22
N ARG A 145 2.86 8.95 -38.52
CA ARG A 145 2.56 7.77 -37.72
C ARG A 145 3.10 7.86 -36.30
N HIS A 146 4.25 8.53 -36.13
CA HIS A 146 4.84 8.75 -34.81
C HIS A 146 4.03 9.73 -33.98
N GLN A 147 3.58 10.81 -34.61
CA GLN A 147 2.71 11.77 -33.94
C GLN A 147 1.35 11.15 -33.61
N ARG A 148 0.83 10.30 -34.49
CA ARG A 148 -0.45 9.62 -34.27
C ARG A 148 -0.36 8.76 -33.01
N ARG A 149 0.76 8.07 -32.85
CA ARG A 149 0.96 7.20 -31.69
C ARG A 149 1.10 7.98 -30.39
N ILE A 150 1.82 9.09 -30.43
CA ILE A 150 1.94 10.00 -29.30
C ILE A 150 0.57 10.56 -28.91
N ASP A 151 -0.23 10.91 -29.93
CA ASP A 151 -1.57 11.47 -29.71
C ASP A 151 -2.50 10.46 -29.06
N ILE A 152 -2.39 9.19 -29.43
CA ILE A 152 -3.20 8.13 -28.83
C ILE A 152 -2.83 8.01 -27.35
N LEU A 153 -1.54 7.99 -27.06
CA LEU A 153 -1.11 7.91 -25.67
C LEU A 153 -1.53 9.13 -24.86
N ALA A 154 -1.45 10.32 -25.45
CA ALA A 154 -1.83 11.54 -24.75
C ALA A 154 -3.32 11.55 -24.43
N GLU A 155 -4.12 10.98 -25.33
CA GLU A 155 -5.55 10.89 -25.12
C GLU A 155 -5.87 9.89 -24.00
N TYR A 156 -5.11 8.80 -23.92
CA TYR A 156 -5.26 7.84 -22.81
C TYR A 156 -4.91 8.49 -21.46
N GLU A 157 -3.87 9.31 -21.44
CA GLU A 157 -3.47 10.01 -20.22
C GLU A 157 -4.56 10.95 -19.74
N ARG A 158 -5.24 11.58 -20.69
CA ARG A 158 -6.30 12.54 -20.41
C ARG A 158 -7.55 11.89 -19.81
N THR A 159 -7.85 10.69 -20.27
CA THR A 159 -9.18 10.10 -20.13
C THR A 159 -9.20 8.74 -19.40
N HIS A 160 -8.04 8.07 -19.36
CA HIS A 160 -7.90 6.69 -18.89
C HIS A 160 -8.88 5.66 -19.47
N GLU A 161 -9.34 5.92 -20.69
CA GLU A 161 -10.15 4.96 -21.41
C GLU A 161 -9.20 4.26 -22.35
N ALA A 162 -8.95 2.98 -22.07
CA ALA A 162 -8.01 2.21 -22.88
C ALA A 162 -8.50 2.19 -24.32
N PRO A 163 -7.67 2.59 -25.28
CA PRO A 163 -8.09 2.58 -26.69
C PRO A 163 -8.35 1.15 -27.13
N PRO A 164 -9.37 0.93 -27.97
CA PRO A 164 -9.70 -0.42 -28.42
C PRO A 164 -8.57 -1.09 -29.20
N VAL A 165 -8.48 -2.40 -29.06
CA VAL A 165 -7.48 -3.22 -29.74
C VAL A 165 -8.12 -3.76 -31.03
N PRO A 166 -7.47 -3.57 -32.18
CA PRO A 166 -8.06 -3.90 -33.49
C PRO A 166 -8.90 -5.19 -33.52
N GLY A 167 -10.03 -5.19 -34.02
N GLY B 11 5.62 -21.14 -11.92
CA GLY B 11 4.74 -20.83 -13.09
C GLY B 11 4.09 -19.47 -12.93
N MET B 12 4.25 -18.62 -13.95
CA MET B 12 3.83 -17.22 -13.90
C MET B 12 2.86 -16.96 -15.05
N ARG B 13 1.80 -16.21 -14.77
CA ARG B 13 0.94 -15.69 -15.81
C ARG B 13 1.59 -14.43 -16.39
N VAL B 14 1.61 -14.34 -17.72
CA VAL B 14 2.27 -13.23 -18.41
C VAL B 14 1.37 -12.71 -19.53
N TYR B 15 0.99 -11.44 -19.44
CA TYR B 15 0.23 -10.74 -20.46
C TYR B 15 1.21 -10.11 -21.46
N LEU B 16 1.04 -10.41 -22.75
CA LEU B 16 1.95 -9.90 -23.77
C LEU B 16 1.24 -8.98 -24.73
N GLY B 17 1.91 -7.89 -25.09
CA GLY B 17 1.41 -6.97 -26.09
C GLY B 17 2.52 -6.61 -27.05
N ALA B 18 2.18 -6.34 -28.31
CA ALA B 18 3.16 -5.97 -29.32
C ALA B 18 2.49 -5.39 -30.55
N ASP B 19 3.12 -4.39 -31.15
CA ASP B 19 2.75 -3.94 -32.48
C ASP B 19 3.48 -4.80 -33.51
N HIS B 20 3.38 -4.40 -34.79
CA HIS B 20 4.06 -5.11 -35.88
C HIS B 20 5.56 -5.33 -35.64
N ALA B 21 6.26 -4.35 -35.09
CA ALA B 21 7.72 -4.47 -34.91
C ALA B 21 8.12 -5.51 -33.87
N GLY B 22 7.24 -5.79 -32.91
CA GLY B 22 7.48 -6.82 -31.92
C GLY B 22 6.67 -8.09 -32.12
N TYR B 23 5.90 -8.17 -33.20
CA TYR B 23 4.93 -9.26 -33.39
C TYR B 23 5.59 -10.62 -33.48
N GLU B 24 6.59 -10.73 -34.34
CA GLU B 24 7.29 -12.00 -34.53
C GLU B 24 7.98 -12.46 -33.25
N LEU B 25 8.59 -11.54 -32.52
CA LEU B 25 9.25 -11.87 -31.26
C LEU B 25 8.22 -12.28 -30.20
N LYS B 26 7.07 -11.61 -30.19
CA LYS B 26 5.98 -11.98 -29.28
C LYS B 26 5.56 -13.45 -29.47
N GLN B 27 5.39 -13.85 -30.72
CA GLN B 27 5.01 -15.23 -31.07
C GLN B 27 5.99 -16.24 -30.48
N ARG B 28 7.29 -15.94 -30.62
CA ARG B 28 8.35 -16.82 -30.12
C ARG B 28 8.36 -16.84 -28.60
N ILE B 29 8.11 -15.70 -27.98
CA ILE B 29 8.10 -15.61 -26.51
C ILE B 29 6.91 -16.41 -25.95
N ILE B 30 5.76 -16.31 -26.60
CA ILE B 30 4.57 -17.05 -26.16
C ILE B 30 4.88 -18.54 -26.15
N GLU B 31 5.49 -19.01 -27.23
CA GLU B 31 5.86 -20.41 -27.39
C GLU B 31 6.88 -20.82 -26.33
N HIS B 32 7.85 -19.95 -26.08
CA HIS B 32 8.90 -20.22 -25.10
C HIS B 32 8.35 -20.29 -23.68
N LEU B 33 7.44 -19.39 -23.34
CA LEU B 33 6.83 -19.34 -22.01
C LEU B 33 5.99 -20.60 -21.76
N LYS B 34 5.24 -21.03 -22.77
CA LYS B 34 4.47 -22.28 -22.70
C LYS B 34 5.39 -23.46 -22.41
N GLN B 35 6.52 -23.53 -23.10
CA GLN B 35 7.44 -24.65 -22.98
C GLN B 35 8.22 -24.64 -21.65
N THR B 36 8.31 -23.49 -21.00
CA THR B 36 9.03 -23.38 -19.72
C THR B 36 8.09 -23.34 -18.51
N GLY B 37 6.82 -23.67 -18.72
CA GLY B 37 5.88 -23.89 -17.63
C GLY B 37 5.09 -22.67 -17.18
N HIS B 38 5.06 -21.63 -18.01
CA HIS B 38 4.35 -20.39 -17.69
C HIS B 38 3.05 -20.30 -18.50
N GLU B 39 2.29 -19.22 -18.31
CA GLU B 39 0.94 -19.07 -18.87
C GLU B 39 0.82 -17.75 -19.62
N PRO B 40 1.31 -17.71 -20.86
CA PRO B 40 1.18 -16.52 -21.69
C PRO B 40 -0.25 -16.23 -22.13
N ILE B 41 -0.61 -14.95 -22.11
CA ILE B 41 -1.92 -14.47 -22.53
C ILE B 41 -1.64 -13.37 -23.53
N ASP B 42 -2.09 -13.58 -24.76
CA ASP B 42 -1.84 -12.65 -25.85
C ASP B 42 -2.89 -11.53 -25.90
N CYS B 43 -2.45 -10.29 -25.67
CA CYS B 43 -3.33 -9.12 -25.76
C CYS B 43 -3.36 -8.47 -27.17
N GLY B 44 -2.64 -9.05 -28.12
CA GLY B 44 -2.53 -8.50 -29.47
C GLY B 44 -1.17 -7.83 -29.66
N ALA B 45 -0.74 -7.57 -30.89
CA ALA B 45 -1.53 -7.76 -32.11
C ALA B 45 -1.61 -9.25 -32.46
N LEU B 46 -2.75 -9.64 -33.04
CA LEU B 46 -3.02 -11.03 -33.36
C LEU B 46 -2.59 -11.43 -34.77
N ARG B 47 -2.34 -10.42 -35.60
CA ARG B 47 -1.71 -10.62 -36.90
C ARG B 47 -0.69 -9.52 -37.19
N TYR B 48 0.18 -9.76 -38.17
CA TYR B 48 1.11 -8.74 -38.60
C TYR B 48 0.37 -7.68 -39.42
N ASP B 49 0.46 -6.43 -38.98
CA ASP B 49 -0.06 -5.29 -39.73
C ASP B 49 0.99 -4.16 -39.61
N ALA B 50 1.69 -3.92 -40.71
CA ALA B 50 2.86 -3.04 -40.74
C ALA B 50 2.60 -1.59 -40.32
N ASP B 51 1.34 -1.17 -40.39
CA ASP B 51 0.96 0.20 -40.05
C ASP B 51 0.36 0.37 -38.65
N ASP B 52 0.24 -0.72 -37.90
CA ASP B 52 -0.53 -0.65 -36.65
C ASP B 52 0.26 0.07 -35.56
N ASP B 53 -0.47 0.45 -34.51
CA ASP B 53 -0.01 1.42 -33.53
C ASP B 53 0.13 0.75 -32.17
N TYR B 54 1.31 0.88 -31.57
CA TYR B 54 1.66 0.15 -30.34
C TYR B 54 0.83 0.49 -29.08
N PRO B 55 0.45 1.76 -28.84
CA PRO B 55 -0.14 2.11 -27.54
C PRO B 55 -1.26 1.21 -27.06
N ALA B 56 -2.24 0.89 -27.92
CA ALA B 56 -3.40 0.10 -27.48
C ALA B 56 -3.00 -1.26 -26.92
N PHE B 57 -2.04 -1.92 -27.56
CA PHE B 57 -1.59 -3.23 -27.12
C PHE B 57 -0.83 -3.18 -25.78
N CYS B 58 -0.02 -2.13 -25.60
CA CYS B 58 0.77 -1.96 -24.38
C CYS B 58 -0.11 -1.56 -23.21
N ILE B 59 -1.07 -0.69 -23.47
CA ILE B 59 -2.02 -0.29 -22.44
C ILE B 59 -2.86 -1.50 -22.03
N ALA B 60 -3.23 -2.34 -23.00
CA ALA B 60 -4.03 -3.52 -22.71
C ALA B 60 -3.25 -4.49 -21.81
N ALA B 61 -1.99 -4.75 -22.17
CA ALA B 61 -1.16 -5.66 -21.39
C ALA B 61 -0.92 -5.13 -19.98
N ALA B 62 -0.61 -3.85 -19.84
CA ALA B 62 -0.29 -3.26 -18.53
C ALA B 62 -1.56 -3.18 -17.65
N THR B 63 -2.68 -2.82 -18.27
CA THR B 63 -3.96 -2.74 -17.59
C THR B 63 -4.37 -4.10 -17.03
N ARG B 64 -4.23 -5.14 -17.84
CA ARG B 64 -4.60 -6.48 -17.42
C ARG B 64 -3.65 -7.02 -16.35
N THR B 65 -2.38 -6.63 -16.44
CA THR B 65 -1.37 -7.04 -15.47
C THR B 65 -1.69 -6.47 -14.08
N VAL B 66 -1.96 -5.16 -14.03
CA VAL B 66 -2.29 -4.48 -12.78
C VAL B 66 -3.56 -5.03 -12.15
N ALA B 67 -4.53 -5.38 -12.99
CA ALA B 67 -5.82 -5.90 -12.49
C ALA B 67 -5.77 -7.36 -12.05
N ASP B 68 -4.66 -8.04 -12.31
CA ASP B 68 -4.49 -9.45 -12.00
C ASP B 68 -3.22 -9.61 -11.18
N PRO B 69 -3.25 -9.24 -9.91
CA PRO B 69 -2.05 -9.23 -9.07
C PRO B 69 -1.33 -10.56 -9.05
N GLY B 70 -0.01 -10.51 -9.14
CA GLY B 70 0.83 -11.69 -9.21
C GLY B 70 1.25 -12.01 -10.64
N SER B 71 0.55 -11.44 -11.61
CA SER B 71 0.90 -11.60 -13.02
C SER B 71 2.03 -10.65 -13.42
N LEU B 72 2.67 -10.99 -14.53
CA LEU B 72 3.68 -10.15 -15.14
C LEU B 72 3.21 -9.79 -16.52
N GLY B 73 3.91 -8.87 -17.17
CA GLY B 73 3.59 -8.47 -18.53
C GLY B 73 4.85 -8.17 -19.30
N ILE B 74 4.77 -8.31 -20.62
CA ILE B 74 5.89 -7.98 -21.49
C ILE B 74 5.32 -7.29 -22.70
N VAL B 75 5.89 -6.15 -23.07
CA VAL B 75 5.45 -5.43 -24.26
C VAL B 75 6.63 -5.33 -25.21
N LEU B 76 6.36 -5.52 -26.50
CA LEU B 76 7.41 -5.69 -27.50
C LEU B 76 7.22 -4.70 -28.64
N GLY B 77 8.31 -4.05 -29.05
CA GLY B 77 8.28 -3.20 -30.23
C GLY B 77 9.63 -3.22 -30.90
N GLY B 78 9.99 -2.15 -31.62
CA GLY B 78 11.30 -2.07 -32.25
C GLY B 78 12.41 -1.91 -31.23
N SER B 79 12.31 -0.83 -30.47
CA SER B 79 13.25 -0.51 -29.40
C SER B 79 12.70 -0.88 -28.04
N GLY B 80 11.37 -1.01 -27.94
CA GLY B 80 10.72 -1.23 -26.66
C GLY B 80 10.41 0.04 -25.89
N ASN B 81 10.96 1.19 -26.30
CA ASN B 81 10.83 2.42 -25.52
C ASN B 81 9.47 3.08 -25.60
N GLY B 82 8.90 3.20 -26.80
CA GLY B 82 7.55 3.70 -26.93
C GLY B 82 6.59 2.83 -26.13
N GLU B 83 6.86 1.53 -26.15
CA GLU B 83 6.01 0.53 -25.56
C GLU B 83 6.04 0.60 -24.02
N GLN B 84 7.22 0.75 -23.44
CA GLN B 84 7.31 0.88 -21.97
C GLN B 84 6.75 2.23 -21.51
N ILE B 85 6.89 3.26 -22.34
CA ILE B 85 6.34 4.57 -22.00
C ILE B 85 4.83 4.43 -21.91
N ALA B 86 4.24 3.76 -22.87
CA ALA B 86 2.79 3.60 -22.92
C ALA B 86 2.32 2.82 -21.69
N ALA B 87 3.00 1.73 -21.39
CA ALA B 87 2.64 0.86 -20.28
C ALA B 87 2.72 1.60 -18.95
N ASN B 88 3.71 2.47 -18.82
CA ASN B 88 3.89 3.26 -17.61
C ASN B 88 2.81 4.32 -17.36
N LYS B 89 2.01 4.62 -18.38
CA LYS B 89 0.89 5.52 -18.19
C LYS B 89 -0.29 4.86 -17.49
N VAL B 90 -0.30 3.53 -17.44
CA VAL B 90 -1.38 2.78 -16.78
C VAL B 90 -1.23 2.92 -15.26
N PRO B 91 -2.28 3.36 -14.56
CA PRO B 91 -2.23 3.49 -13.10
C PRO B 91 -1.80 2.18 -12.43
N GLY B 92 -0.76 2.27 -11.60
CA GLY B 92 -0.25 1.11 -10.87
C GLY B 92 0.78 0.26 -11.60
N ALA B 93 1.03 0.56 -12.87
CA ALA B 93 1.99 -0.22 -13.65
C ALA B 93 3.39 0.33 -13.46
N ARG B 94 4.37 -0.58 -13.46
CA ARG B 94 5.78 -0.24 -13.44
C ARG B 94 6.42 -1.09 -14.53
N CYS B 95 6.85 -0.43 -15.59
CA CYS B 95 7.39 -1.10 -16.75
C CYS B 95 8.81 -0.64 -17.00
N ALA B 96 9.75 -1.54 -16.77
CA ALA B 96 11.16 -1.29 -17.04
C ALA B 96 11.45 -1.61 -18.50
N LEU B 97 12.55 -1.08 -19.03
CA LEU B 97 13.06 -1.52 -20.33
C LEU B 97 14.17 -2.51 -20.04
N ALA B 98 13.98 -3.74 -20.51
CA ALA B 98 14.95 -4.81 -20.33
C ALA B 98 15.73 -4.99 -21.61
N TRP B 99 17.03 -4.67 -21.56
CA TRP B 99 17.93 -4.82 -22.69
C TRP B 99 19.08 -5.79 -22.42
N SER B 100 19.01 -6.46 -21.28
CA SER B 100 20.02 -7.42 -20.86
C SER B 100 19.44 -8.31 -19.77
N VAL B 101 20.10 -9.43 -19.50
CA VAL B 101 19.70 -10.31 -18.42
C VAL B 101 19.76 -9.57 -17.09
N GLN B 102 20.79 -8.75 -16.92
CA GLN B 102 21.00 -7.99 -15.69
C GLN B 102 19.89 -6.95 -15.45
N THR B 103 19.48 -6.23 -16.50
CA THR B 103 18.45 -5.21 -16.33
C THR B 103 17.07 -5.86 -16.14
N ALA B 104 16.85 -7.01 -16.76
CA ALA B 104 15.61 -7.75 -16.53
C ALA B 104 15.52 -8.20 -15.06
N ALA B 105 16.62 -8.70 -14.52
CA ALA B 105 16.63 -9.24 -13.17
C ALA B 105 16.46 -8.11 -12.14
N LEU B 106 17.15 -7.01 -12.37
CA LEU B 106 17.12 -5.85 -11.49
C LEU B 106 15.74 -5.17 -11.54
N ALA B 107 15.07 -5.23 -12.69
CA ALA B 107 13.71 -4.71 -12.79
C ALA B 107 12.81 -5.37 -11.76
N ARG B 108 12.95 -6.69 -11.58
CA ARG B 108 12.19 -7.43 -10.58
C ARG B 108 12.73 -7.19 -9.18
N GLU B 109 14.04 -7.39 -9.02
CA GLU B 109 14.69 -7.38 -7.71
C GLU B 109 14.56 -6.04 -6.99
N HIS B 110 14.80 -4.95 -7.72
CA HIS B 110 14.80 -3.61 -7.16
C HIS B 110 13.51 -2.83 -7.40
N ASN B 111 13.00 -2.87 -8.63
CA ASN B 111 11.85 -2.03 -8.98
C ASN B 111 10.49 -2.71 -8.79
N ASN B 112 10.49 -4.01 -8.49
CA ASN B 112 9.26 -4.80 -8.48
C ASN B 112 8.43 -4.54 -9.73
N ALA B 113 9.09 -4.39 -10.87
CA ALA B 113 8.39 -4.09 -12.11
C ALA B 113 7.50 -5.26 -12.48
N GLN B 114 6.22 -5.01 -12.74
CA GLN B 114 5.35 -6.10 -13.24
C GLN B 114 5.52 -6.31 -14.73
N LEU B 115 6.06 -5.31 -15.43
CA LEU B 115 6.26 -5.40 -16.87
C LEU B 115 7.66 -5.00 -17.29
N ILE B 116 8.10 -5.55 -18.42
CA ILE B 116 9.25 -5.07 -19.16
C ILE B 116 8.87 -4.86 -20.61
N GLY B 117 9.52 -3.89 -21.22
CA GLY B 117 9.53 -3.73 -22.65
C GLY B 117 10.82 -4.34 -23.16
N ILE B 118 10.75 -4.98 -24.32
CA ILE B 118 11.94 -5.47 -25.02
C ILE B 118 11.90 -4.95 -26.46
N GLY B 119 13.05 -4.55 -26.99
CA GLY B 119 13.18 -4.16 -28.38
C GLY B 119 13.55 -5.35 -29.24
N GLY B 120 12.60 -5.80 -30.07
CA GLY B 120 12.81 -6.91 -30.98
C GLY B 120 13.94 -6.72 -31.99
N ARG B 121 14.15 -5.49 -32.43
CA ARG B 121 15.24 -5.16 -33.36
C ARG B 121 16.63 -5.02 -32.69
N MET B 122 16.69 -5.13 -31.36
CA MET B 122 17.92 -4.89 -30.61
C MET B 122 18.68 -6.15 -30.20
N HIS B 123 18.03 -7.31 -30.30
CA HIS B 123 18.60 -8.56 -29.80
C HIS B 123 18.38 -9.69 -30.78
N THR B 124 19.17 -10.75 -30.64
CA THR B 124 18.87 -12.01 -31.32
C THR B 124 17.71 -12.62 -30.56
N VAL B 125 17.11 -13.66 -31.13
CA VAL B 125 16.04 -14.36 -30.44
C VAL B 125 16.59 -15.00 -29.17
N ALA B 126 17.77 -15.61 -29.27
CA ALA B 126 18.42 -16.22 -28.10
C ALA B 126 18.60 -15.22 -26.95
N GLU B 127 19.06 -14.01 -27.28
CA GLU B 127 19.28 -12.99 -26.27
C GLU B 127 17.96 -12.49 -25.65
N ALA B 128 16.92 -12.36 -26.47
CA ALA B 128 15.60 -11.94 -26.00
C ALA B 128 14.99 -12.97 -25.06
N LEU B 129 15.09 -14.26 -25.39
CA LEU B 129 14.53 -15.30 -24.55
C LEU B 129 15.25 -15.42 -23.23
N ALA B 130 16.56 -15.15 -23.20
CA ALA B 130 17.30 -15.11 -21.95
C ALA B 130 16.86 -13.92 -21.06
N ILE B 131 16.51 -12.80 -21.68
CA ILE B 131 16.02 -11.63 -20.95
C ILE B 131 14.68 -11.99 -20.30
N VAL B 132 13.80 -12.61 -21.08
CA VAL B 132 12.49 -13.10 -20.62
C VAL B 132 12.66 -14.05 -19.43
N ASP B 133 13.57 -15.02 -19.56
CA ASP B 133 13.82 -15.99 -18.49
C ASP B 133 14.17 -15.31 -17.18
N ALA B 134 15.08 -14.35 -17.25
CA ALA B 134 15.51 -13.64 -16.05
C ALA B 134 14.32 -12.88 -15.43
N PHE B 135 13.51 -12.27 -16.29
CA PHE B 135 12.36 -11.49 -15.82
C PHE B 135 11.33 -12.35 -15.11
N VAL B 136 11.05 -13.54 -15.65
CA VAL B 136 9.98 -14.38 -15.10
C VAL B 136 10.41 -15.26 -13.93
N THR B 137 11.71 -15.30 -13.63
CA THR B 137 12.22 -16.10 -12.50
C THR B 137 12.85 -15.32 -11.35
N THR B 138 13.17 -14.04 -11.56
CA THR B 138 13.86 -13.28 -10.52
C THR B 138 12.84 -12.76 -9.52
N PRO B 139 13.03 -13.04 -8.23
CA PRO B 139 12.13 -12.52 -7.19
C PRO B 139 12.36 -11.03 -6.84
N TRP B 140 11.27 -10.38 -6.47
CA TRP B 140 11.26 -9.08 -5.81
C TRP B 140 11.93 -9.22 -4.44
N SER B 141 12.93 -8.38 -4.16
CA SER B 141 13.71 -8.47 -2.92
C SER B 141 12.96 -8.06 -1.65
N LYS B 142 11.98 -7.19 -1.80
CA LYS B 142 11.20 -6.61 -0.70
C LYS B 142 12.01 -5.72 0.26
N ALA B 143 13.22 -5.31 -0.14
CA ALA B 143 14.02 -4.42 0.70
C ALA B 143 13.34 -3.08 0.95
N GLN B 144 13.51 -2.57 2.17
CA GLN B 144 12.86 -1.37 2.64
C GLN B 144 13.00 -0.17 1.69
N ARG B 145 14.22 0.13 1.23
CA ARG B 145 14.45 1.32 0.42
C ARG B 145 13.66 1.25 -0.89
N HIS B 146 13.56 0.05 -1.45
CA HIS B 146 12.86 -0.17 -2.71
C HIS B 146 11.36 0.04 -2.54
N GLN B 147 10.80 -0.50 -1.47
CA GLN B 147 9.38 -0.29 -1.20
C GLN B 147 9.09 1.17 -0.87
N ARG B 148 10.00 1.83 -0.15
CA ARG B 148 9.82 3.24 0.17
C ARG B 148 9.71 4.07 -1.11
N ARG B 149 10.60 3.79 -2.07
CA ARG B 149 10.60 4.55 -3.32
C ARG B 149 9.37 4.24 -4.16
N ILE B 150 8.98 2.97 -4.20
CA ILE B 150 7.73 2.60 -4.87
C ILE B 150 6.54 3.37 -4.27
N ASP B 151 6.51 3.48 -2.93
CA ASP B 151 5.41 4.14 -2.23
C ASP B 151 5.39 5.64 -2.53
N ILE B 152 6.58 6.25 -2.63
CA ILE B 152 6.64 7.67 -2.96
C ILE B 152 6.06 7.90 -4.35
N LEU B 153 6.47 7.09 -5.32
CA LEU B 153 5.96 7.25 -6.67
C LEU B 153 4.46 6.98 -6.72
N ALA B 154 4.01 5.96 -5.99
CA ALA B 154 2.58 5.65 -5.97
C ALA B 154 1.75 6.81 -5.40
N GLU B 155 2.30 7.52 -4.43
CA GLU B 155 1.57 8.65 -3.83
C GLU B 155 1.52 9.80 -4.83
N TYR B 156 2.60 9.99 -5.59
CA TYR B 156 2.60 10.96 -6.68
C TYR B 156 1.55 10.60 -7.76
N GLU B 157 1.46 9.32 -8.12
CA GLU B 157 0.45 8.85 -9.07
C GLU B 157 -0.99 9.08 -8.56
N ARG B 158 -1.17 9.00 -7.26
CA ARG B 158 -2.49 9.19 -6.66
C ARG B 158 -2.96 10.65 -6.76
N THR B 159 -2.06 11.60 -6.55
CA THR B 159 -2.46 13.02 -6.43
C THR B 159 -1.94 13.91 -7.55
N HIS B 160 -0.89 13.45 -8.22
CA HIS B 160 -0.08 14.26 -9.13
C HIS B 160 0.45 15.55 -8.50
N GLU B 161 0.63 15.52 -7.18
CA GLU B 161 1.33 16.58 -6.45
C GLU B 161 2.80 16.18 -6.29
N ALA B 162 3.67 16.90 -6.98
CA ALA B 162 5.10 16.57 -6.98
C ALA B 162 5.65 16.65 -5.57
N PRO B 163 6.30 15.57 -5.10
CA PRO B 163 6.86 15.57 -3.75
C PRO B 163 8.07 16.50 -3.67
N PRO B 164 8.24 17.24 -2.57
CA PRO B 164 9.35 18.18 -2.46
C PRO B 164 10.69 17.47 -2.50
N VAL B 165 11.68 18.11 -3.10
CA VAL B 165 13.06 17.62 -3.03
C VAL B 165 13.64 17.99 -1.66
N PRO B 166 14.63 17.23 -1.17
CA PRO B 166 15.26 17.53 0.11
C PRO B 166 15.82 18.96 0.17
N GLY B 167 15.70 19.64 1.19
N GLY C 11 -26.19 -31.30 15.06
CA GLY C 11 -24.74 -31.47 15.38
C GLY C 11 -23.90 -31.45 14.10
N MET C 12 -22.98 -30.48 14.00
CA MET C 12 -22.17 -30.40 12.79
C MET C 12 -20.67 -30.39 12.99
N ARG C 13 -20.02 -30.69 11.88
CA ARG C 13 -18.59 -30.59 11.73
C ARG C 13 -18.25 -29.11 11.59
N VAL C 14 -17.33 -28.63 12.41
CA VAL C 14 -16.90 -27.25 12.38
C VAL C 14 -15.38 -27.22 12.30
N TYR C 15 -14.85 -26.70 11.20
CA TYR C 15 -13.41 -26.49 11.02
C TYR C 15 -13.01 -25.15 11.60
N LEU C 16 -11.99 -25.13 12.46
CA LEU C 16 -11.56 -23.90 13.11
C LEU C 16 -10.11 -23.58 12.77
N GLY C 17 -9.85 -22.29 12.57
CA GLY C 17 -8.50 -21.80 12.35
C GLY C 17 -8.24 -20.50 13.08
N ALA C 18 -7.02 -20.30 13.53
CA ALA C 18 -6.62 -19.07 14.24
C ALA C 18 -5.11 -18.99 14.38
N ASP C 19 -4.54 -17.81 14.24
CA ASP C 19 -3.17 -17.56 14.67
C ASP C 19 -3.17 -17.24 16.17
N HIS C 20 -2.03 -16.83 16.70
CA HIS C 20 -1.86 -16.47 18.11
C HIS C 20 -2.94 -15.51 18.67
N ALA C 21 -3.36 -14.54 17.85
CA ALA C 21 -4.35 -13.56 18.29
C ALA C 21 -5.72 -14.16 18.61
N GLY C 22 -6.06 -15.26 17.93
CA GLY C 22 -7.30 -15.97 18.22
C GLY C 22 -7.13 -17.33 18.88
N TYR C 23 -5.91 -17.71 19.21
CA TYR C 23 -5.63 -19.07 19.69
C TYR C 23 -6.41 -19.47 20.97
N GLU C 24 -6.34 -18.63 22.00
CA GLU C 24 -6.97 -18.94 23.28
C GLU C 24 -8.49 -19.02 23.13
N LEU C 25 -9.09 -18.09 22.40
CA LEU C 25 -10.52 -18.16 22.12
C LEU C 25 -10.89 -19.40 21.32
N LYS C 26 -10.05 -19.77 20.36
CA LYS C 26 -10.29 -20.97 19.55
C LYS C 26 -10.33 -22.22 20.42
N GLN C 27 -9.38 -22.33 21.35
CA GLN C 27 -9.36 -23.47 22.28
C GLN C 27 -10.66 -23.52 23.09
N ARG C 28 -11.14 -22.36 23.53
CA ARG C 28 -12.35 -22.28 24.34
C ARG C 28 -13.58 -22.64 23.52
N ILE C 29 -13.58 -22.25 22.24
CA ILE C 29 -14.69 -22.56 21.34
C ILE C 29 -14.73 -24.06 21.02
N ILE C 30 -13.56 -24.67 20.81
CA ILE C 30 -13.50 -26.11 20.58
C ILE C 30 -14.15 -26.85 21.76
N GLU C 31 -13.77 -26.46 22.97
CA GLU C 31 -14.32 -27.05 24.20
C GLU C 31 -15.84 -26.86 24.25
N HIS C 32 -16.31 -25.66 23.92
CA HIS C 32 -17.73 -25.34 23.94
C HIS C 32 -18.51 -26.14 22.90
N LEU C 33 -17.94 -26.29 21.71
CA LEU C 33 -18.59 -27.04 20.64
C LEU C 33 -18.69 -28.53 20.99
N LYS C 34 -17.65 -29.08 21.63
CA LYS C 34 -17.68 -30.46 22.08
C LYS C 34 -18.85 -30.66 23.03
N GLN C 35 -18.92 -29.80 24.05
CA GLN C 35 -19.92 -29.90 25.10
C GLN C 35 -21.36 -29.67 24.60
N THR C 36 -21.54 -28.97 23.48
CA THR C 36 -22.88 -28.76 22.93
C THR C 36 -23.24 -29.70 21.77
N GLY C 37 -22.50 -30.79 21.62
CA GLY C 37 -22.86 -31.86 20.69
C GLY C 37 -22.37 -31.72 19.25
N HIS C 38 -21.46 -30.78 19.01
CA HIS C 38 -20.86 -30.57 17.69
C HIS C 38 -19.50 -31.26 17.59
N GLU C 39 -18.93 -31.26 16.40
CA GLU C 39 -17.69 -31.99 16.08
C GLU C 39 -16.63 -31.01 15.57
N PRO C 40 -15.89 -30.37 16.47
CA PRO C 40 -14.87 -29.40 16.06
C PRO C 40 -13.61 -30.08 15.54
N ILE C 41 -13.05 -29.52 14.48
CA ILE C 41 -11.84 -30.02 13.85
C ILE C 41 -10.85 -28.86 13.81
N ASP C 42 -9.74 -29.03 14.51
CA ASP C 42 -8.76 -27.97 14.66
C ASP C 42 -7.76 -27.99 13.50
N CYS C 43 -7.76 -26.92 12.71
CA CYS C 43 -6.80 -26.78 11.60
C CYS C 43 -5.52 -26.02 12.00
N GLY C 44 -5.45 -25.59 13.25
CA GLY C 44 -4.29 -24.89 13.78
C GLY C 44 -4.65 -23.43 14.01
N ALA C 45 -3.86 -22.68 14.77
CA ALA C 45 -2.60 -23.10 15.37
C ALA C 45 -2.82 -24.10 16.49
N LEU C 46 -1.89 -25.05 16.65
CA LEU C 46 -2.02 -26.09 17.67
C LEU C 46 -1.39 -25.70 19.00
N ARG C 47 -0.63 -24.60 18.99
CA ARG C 47 -0.12 -23.99 20.22
C ARG C 47 0.06 -22.49 20.05
N TYR C 48 0.19 -21.78 21.16
CA TYR C 48 0.42 -20.33 21.08
C TYR C 48 1.82 -20.04 20.55
N ASP C 49 1.88 -19.34 19.42
CA ASP C 49 3.13 -18.84 18.85
C ASP C 49 2.90 -17.40 18.48
N ALA C 50 3.44 -16.49 19.30
CA ALA C 50 3.16 -15.06 19.20
C ALA C 50 3.43 -14.44 17.82
N ASP C 51 4.30 -15.06 17.03
CA ASP C 51 4.74 -14.50 15.77
C ASP C 51 4.20 -15.22 14.53
N ASP C 52 3.31 -16.18 14.72
CA ASP C 52 2.78 -16.96 13.61
C ASP C 52 1.76 -16.15 12.81
N ASP C 53 1.38 -16.69 11.65
CA ASP C 53 0.68 -15.92 10.61
C ASP C 53 -0.63 -16.59 10.26
N TYR C 54 -1.73 -15.86 10.36
CA TYR C 54 -3.07 -16.47 10.18
C TYR C 54 -3.50 -17.05 8.82
N PRO C 55 -3.02 -16.54 7.70
CA PRO C 55 -3.59 -16.96 6.40
C PRO C 55 -3.62 -18.47 6.17
N ALA C 56 -2.54 -19.18 6.45
CA ALA C 56 -2.50 -20.61 6.20
C ALA C 56 -3.62 -21.35 6.98
N PHE C 57 -3.87 -20.95 8.22
CA PHE C 57 -4.90 -21.58 9.05
C PHE C 57 -6.31 -21.27 8.55
N CYS C 58 -6.51 -20.05 8.07
CA CYS C 58 -7.81 -19.64 7.55
C CYS C 58 -8.09 -20.27 6.21
N ILE C 59 -7.09 -20.34 5.33
CA ILE C 59 -7.22 -20.98 4.04
C ILE C 59 -7.49 -22.47 4.25
N ALA C 60 -6.83 -23.06 5.24
CA ALA C 60 -7.01 -24.48 5.55
C ALA C 60 -8.46 -24.72 5.98
N ALA C 61 -8.94 -23.93 6.94
CA ALA C 61 -10.29 -24.09 7.47
C ALA C 61 -11.34 -23.92 6.38
N ALA C 62 -11.16 -22.90 5.54
CA ALA C 62 -12.14 -22.59 4.49
C ALA C 62 -12.10 -23.62 3.36
N THR C 63 -10.90 -24.07 3.00
CA THR C 63 -10.74 -25.10 1.96
C THR C 63 -11.45 -26.39 2.38
N ARG C 64 -11.25 -26.79 3.63
CA ARG C 64 -11.84 -28.03 4.14
C ARG C 64 -13.36 -27.91 4.29
N THR C 65 -13.82 -26.73 4.69
CA THR C 65 -15.25 -26.49 4.84
C THR C 65 -15.94 -26.61 3.50
N VAL C 66 -15.36 -25.97 2.48
CA VAL C 66 -15.91 -26.02 1.13
C VAL C 66 -15.91 -27.43 0.53
N ALA C 67 -14.86 -28.20 0.83
CA ALA C 67 -14.70 -29.54 0.29
C ALA C 67 -15.56 -30.57 1.01
N ASP C 68 -16.22 -30.15 2.09
CA ASP C 68 -17.01 -31.01 2.95
C ASP C 68 -18.40 -30.38 3.10
N PRO C 69 -19.23 -30.43 2.05
CA PRO C 69 -20.54 -29.76 2.06
C PRO C 69 -21.41 -30.21 3.25
N GLY C 70 -22.04 -29.26 3.94
CA GLY C 70 -22.78 -29.53 5.18
C GLY C 70 -22.03 -29.11 6.43
N SER C 71 -20.71 -28.93 6.30
CA SER C 71 -19.90 -28.45 7.41
C SER C 71 -19.91 -26.92 7.46
N LEU C 72 -19.38 -26.42 8.56
CA LEU C 72 -19.20 -24.99 8.81
C LEU C 72 -17.77 -24.76 9.25
N GLY C 73 -17.35 -23.50 9.32
CA GLY C 73 -16.01 -23.16 9.76
C GLY C 73 -16.02 -21.87 10.55
N ILE C 74 -15.06 -21.74 11.46
CA ILE C 74 -14.90 -20.52 12.24
C ILE C 74 -13.43 -20.13 12.24
N VAL C 75 -13.13 -18.89 11.87
CA VAL C 75 -11.77 -18.37 11.96
C VAL C 75 -11.71 -17.25 12.98
N LEU C 76 -10.67 -17.24 13.81
CA LEU C 76 -10.58 -16.36 14.97
C LEU C 76 -9.31 -15.53 14.88
N GLY C 77 -9.44 -14.23 15.12
CA GLY C 77 -8.29 -13.35 15.20
C GLY C 77 -8.50 -12.29 16.24
N GLY C 78 -7.80 -11.17 16.09
CA GLY C 78 -7.98 -10.01 16.95
C GLY C 78 -9.28 -9.29 16.63
N SER C 79 -9.38 -8.80 15.40
CA SER C 79 -10.64 -8.27 14.87
C SER C 79 -11.43 -9.31 14.07
N GLY C 80 -10.73 -10.32 13.56
CA GLY C 80 -11.30 -11.29 12.63
C GLY C 80 -11.36 -10.85 11.18
N ASN C 81 -10.94 -9.62 10.89
CA ASN C 81 -11.07 -9.10 9.52
C ASN C 81 -10.06 -9.66 8.53
N GLY C 82 -8.78 -9.67 8.92
CA GLY C 82 -7.77 -10.34 8.11
C GLY C 82 -8.15 -11.79 7.83
N GLU C 83 -8.68 -12.45 8.86
CA GLU C 83 -9.01 -13.87 8.81
C GLU C 83 -10.17 -14.16 7.83
N GLN C 84 -11.23 -13.35 7.88
CA GLN C 84 -12.33 -13.51 6.94
C GLN C 84 -11.91 -13.17 5.50
N ILE C 85 -11.03 -12.16 5.33
CA ILE C 85 -10.57 -11.81 4.00
C ILE C 85 -9.82 -13.01 3.41
N ALA C 86 -8.98 -13.67 4.21
CA ALA C 86 -8.25 -14.87 3.77
C ALA C 86 -9.17 -16.02 3.39
N ALA C 87 -10.15 -16.30 4.25
CA ALA C 87 -11.10 -17.38 4.00
C ALA C 87 -11.89 -17.11 2.71
N ASN C 88 -12.25 -15.85 2.48
CA ASN C 88 -13.01 -15.47 1.28
C ASN C 88 -12.26 -15.59 -0.05
N LYS C 89 -10.94 -15.70 0.01
CA LYS C 89 -10.15 -15.97 -1.19
C LYS C 89 -10.25 -17.41 -1.68
N VAL C 90 -10.70 -18.31 -0.81
CA VAL C 90 -10.87 -19.70 -1.17
C VAL C 90 -12.09 -19.83 -2.08
N PRO C 91 -11.93 -20.44 -3.26
CA PRO C 91 -13.06 -20.64 -4.17
C PRO C 91 -14.20 -21.38 -3.49
N GLY C 92 -15.43 -20.88 -3.66
CA GLY C 92 -16.60 -21.47 -3.06
C GLY C 92 -16.92 -21.07 -1.64
N ALA C 93 -16.00 -20.37 -0.98
CA ALA C 93 -16.17 -19.98 0.42
C ALA C 93 -16.88 -18.65 0.56
N ARG C 94 -17.74 -18.57 1.56
CA ARG C 94 -18.40 -17.32 1.95
C ARG C 94 -18.21 -17.19 3.45
N CYS C 95 -17.36 -16.26 3.84
CA CYS C 95 -17.01 -16.05 5.23
C CYS C 95 -17.49 -14.68 5.69
N ALA C 96 -18.50 -14.66 6.52
CA ALA C 96 -18.99 -13.42 7.13
C ALA C 96 -18.15 -13.03 8.35
N LEU C 97 -18.17 -11.76 8.71
CA LEU C 97 -17.63 -11.34 10.00
C LEU C 97 -18.79 -11.25 10.98
N ALA C 98 -18.78 -12.12 11.99
CA ALA C 98 -19.81 -12.17 13.02
C ALA C 98 -19.34 -11.40 14.24
N TRP C 99 -20.01 -10.29 14.52
CA TRP C 99 -19.74 -9.47 15.69
C TRP C 99 -20.93 -9.37 16.64
N SER C 100 -21.94 -10.18 16.40
CA SER C 100 -23.15 -10.21 17.26
C SER C 100 -23.94 -11.45 16.94
N VAL C 101 -24.90 -11.77 17.81
CA VAL C 101 -25.81 -12.87 17.54
C VAL C 101 -26.57 -12.62 16.24
N GLN C 102 -27.02 -11.39 16.02
CA GLN C 102 -27.78 -11.05 14.84
C GLN C 102 -26.97 -11.24 13.55
N THR C 103 -25.73 -10.80 13.53
CA THR C 103 -24.94 -10.91 12.30
C THR C 103 -24.52 -12.35 12.03
N ALA C 104 -24.28 -13.13 13.08
CA ALA C 104 -24.03 -14.56 12.92
C ALA C 104 -25.24 -15.26 12.31
N ALA C 105 -26.44 -14.91 12.78
CA ALA C 105 -27.66 -15.56 12.29
C ALA C 105 -27.93 -15.19 10.84
N LEU C 106 -27.83 -13.90 10.54
CA LEU C 106 -28.05 -13.39 9.19
C LEU C 106 -27.04 -13.99 8.21
N ALA C 107 -25.83 -14.25 8.69
CA ALA C 107 -24.78 -14.85 7.84
C ALA C 107 -25.28 -16.18 7.31
N ARG C 108 -25.91 -16.97 8.19
CA ARG C 108 -26.49 -18.24 7.78
C ARG C 108 -27.76 -18.05 6.96
N GLU C 109 -28.69 -17.23 7.45
CA GLU C 109 -30.01 -17.08 6.82
C GLU C 109 -29.99 -16.48 5.42
N HIS C 110 -29.20 -15.44 5.23
CA HIS C 110 -29.17 -14.68 3.99
C HIS C 110 -28.01 -15.06 3.08
N ASN C 111 -26.84 -15.24 3.67
CA ASN C 111 -25.63 -15.44 2.87
C ASN C 111 -25.25 -16.91 2.69
N ASN C 112 -25.91 -17.80 3.43
CA ASN C 112 -25.49 -19.21 3.53
C ASN C 112 -23.97 -19.26 3.75
N ALA C 113 -23.44 -18.40 4.59
CA ALA C 113 -22.00 -18.35 4.85
C ALA C 113 -21.62 -19.65 5.57
N GLN C 114 -20.70 -20.41 4.99
CA GLN C 114 -20.20 -21.62 5.66
C GLN C 114 -19.21 -21.27 6.75
N LEU C 115 -18.64 -20.07 6.71
CA LEU C 115 -17.69 -19.62 7.71
C LEU C 115 -18.05 -18.27 8.29
N ILE C 116 -17.65 -18.06 9.54
CA ILE C 116 -17.57 -16.72 10.12
C ILE C 116 -16.18 -16.49 10.70
N GLY C 117 -15.77 -15.23 10.67
CA GLY C 117 -14.65 -14.76 11.45
C GLY C 117 -15.19 -14.11 12.71
N ILE C 118 -14.46 -14.23 13.80
CA ILE C 118 -14.79 -13.55 15.05
C ILE C 118 -13.54 -12.89 15.59
N GLY C 119 -13.65 -11.63 15.98
CA GLY C 119 -12.58 -10.91 16.64
C GLY C 119 -12.61 -11.13 18.14
N GLY C 120 -11.74 -11.99 18.64
CA GLY C 120 -11.67 -12.28 20.06
C GLY C 120 -11.46 -11.07 20.96
N ARG C 121 -10.69 -10.10 20.49
CA ARG C 121 -10.41 -8.89 21.27
C ARG C 121 -11.62 -7.94 21.38
N MET C 122 -12.66 -8.20 20.59
CA MET C 122 -13.83 -7.34 20.53
C MET C 122 -14.96 -7.77 21.47
N HIS C 123 -14.89 -8.98 22.00
CA HIS C 123 -15.98 -9.52 22.82
C HIS C 123 -15.46 -10.21 24.09
N THR C 124 -16.33 -10.33 25.08
CA THR C 124 -16.08 -11.22 26.20
C THR C 124 -16.19 -12.65 25.70
N VAL C 125 -15.72 -13.60 26.49
CA VAL C 125 -15.82 -15.00 26.11
C VAL C 125 -17.28 -15.42 25.96
N ALA C 126 -18.13 -14.99 26.89
CA ALA C 126 -19.56 -15.30 26.84
C ALA C 126 -20.21 -14.76 25.57
N GLU C 127 -19.84 -13.53 25.20
CA GLU C 127 -20.38 -12.90 24.00
C GLU C 127 -19.96 -13.68 22.76
N ALA C 128 -18.72 -14.14 22.73
CA ALA C 128 -18.19 -14.89 21.60
C ALA C 128 -18.85 -16.26 21.48
N LEU C 129 -19.08 -16.92 22.61
CA LEU C 129 -19.75 -18.22 22.60
C LEU C 129 -21.21 -18.11 22.17
N ALA C 130 -21.87 -17.00 22.48
CA ALA C 130 -23.23 -16.73 22.03
C ALA C 130 -23.28 -16.53 20.51
N ILE C 131 -22.28 -15.84 19.97
CA ILE C 131 -22.15 -15.69 18.53
C ILE C 131 -22.00 -17.04 17.85
N VAL C 132 -21.15 -17.91 18.41
CA VAL C 132 -20.94 -19.25 17.89
C VAL C 132 -22.23 -20.07 17.91
N ASP C 133 -22.99 -19.99 19.00
CA ASP C 133 -24.26 -20.72 19.10
C ASP C 133 -25.22 -20.30 18.01
N ALA C 134 -25.33 -19.00 17.77
CA ALA C 134 -26.21 -18.49 16.72
C ALA C 134 -25.77 -19.02 15.36
N PHE C 135 -24.46 -19.07 15.14
CA PHE C 135 -23.92 -19.47 13.85
C PHE C 135 -24.19 -20.94 13.54
N VAL C 136 -24.01 -21.81 14.54
CA VAL C 136 -24.10 -23.25 14.33
C VAL C 136 -25.53 -23.80 14.41
N THR C 137 -26.49 -23.00 14.85
CA THR C 137 -27.88 -23.46 14.96
C THR C 137 -28.86 -22.77 14.01
N THR C 138 -28.46 -21.65 13.40
CA THR C 138 -29.35 -20.89 12.51
C THR C 138 -29.34 -21.51 11.13
N PRO C 139 -30.50 -21.93 10.62
CA PRO C 139 -30.54 -22.55 9.30
C PRO C 139 -30.42 -21.57 8.14
N TRP C 140 -29.83 -22.04 7.06
CA TRP C 140 -29.86 -21.40 5.75
C TRP C 140 -31.31 -21.38 5.25
N SER C 141 -31.80 -20.20 4.88
CA SER C 141 -33.22 -20.05 4.54
C SER C 141 -33.60 -20.68 3.20
N LYS C 142 -32.64 -20.75 2.27
CA LYS C 142 -32.87 -21.25 0.91
C LYS C 142 -33.76 -20.35 0.05
N ALA C 143 -33.97 -19.11 0.47
CA ALA C 143 -34.86 -18.21 -0.25
C ALA C 143 -34.30 -17.90 -1.65
N GLN C 144 -35.23 -17.82 -2.60
CA GLN C 144 -34.90 -17.62 -4.01
C GLN C 144 -33.91 -16.49 -4.26
N ARG C 145 -34.18 -15.32 -3.67
CA ARG C 145 -33.36 -14.15 -3.94
C ARG C 145 -31.96 -14.29 -3.37
N HIS C 146 -31.85 -14.93 -2.20
CA HIS C 146 -30.55 -15.17 -1.59
C HIS C 146 -29.72 -16.15 -2.41
N GLN C 147 -30.34 -17.23 -2.88
CA GLN C 147 -29.65 -18.19 -3.73
C GLN C 147 -29.24 -17.55 -5.06
N ARG C 148 -30.11 -16.70 -5.60
CA ARG C 148 -29.82 -15.98 -6.84
C ARG C 148 -28.53 -15.17 -6.70
N ARG C 149 -28.42 -14.45 -5.60
CA ARG C 149 -27.25 -13.59 -5.34
C ARG C 149 -25.98 -14.39 -5.12
N ILE C 150 -26.09 -15.47 -4.35
CA ILE C 150 -24.99 -16.40 -4.15
C ILE C 150 -24.53 -17.01 -5.47
N ASP C 151 -25.48 -17.33 -6.35
CA ASP C 151 -25.15 -17.92 -7.64
C ASP C 151 -24.45 -16.91 -8.55
N ILE C 152 -24.87 -15.64 -8.50
CA ILE C 152 -24.21 -14.60 -9.28
C ILE C 152 -22.75 -14.48 -8.85
N LEU C 153 -22.50 -14.50 -7.54
CA LEU C 153 -21.14 -14.40 -7.05
C LEU C 153 -20.31 -15.62 -7.46
N ALA C 154 -20.91 -16.81 -7.39
CA ALA C 154 -20.22 -18.03 -7.79
C ALA C 154 -19.84 -18.04 -9.28
N GLU C 155 -20.72 -17.50 -10.12
CA GLU C 155 -20.41 -17.37 -11.54
C GLU C 155 -19.27 -16.38 -11.73
N TYR C 156 -19.25 -15.30 -10.95
CA TYR C 156 -18.15 -14.35 -11.03
C TYR C 156 -16.83 -15.03 -10.61
N GLU C 157 -16.85 -15.83 -9.56
CA GLU C 157 -15.65 -16.58 -9.16
C GLU C 157 -15.13 -17.48 -10.28
N ARG C 158 -16.05 -18.08 -11.02
CA ARG C 158 -15.70 -19.01 -12.09
C ARG C 158 -15.03 -18.36 -13.29
N THR C 159 -15.47 -17.17 -13.67
CA THR C 159 -15.01 -16.52 -14.91
C THR C 159 -14.26 -15.21 -14.73
N HIS C 160 -14.41 -14.58 -13.57
CA HIS C 160 -13.94 -13.20 -13.30
C HIS C 160 -14.44 -12.15 -14.28
N GLU C 161 -15.59 -12.40 -14.87
CA GLU C 161 -16.22 -11.42 -15.72
C GLU C 161 -17.30 -10.72 -14.90
N ALA C 162 -17.07 -9.45 -14.61
CA ALA C 162 -17.92 -8.71 -13.70
C ALA C 162 -19.34 -8.69 -14.27
N PRO C 163 -20.33 -9.00 -13.46
CA PRO C 163 -21.73 -8.93 -13.93
C PRO C 163 -22.15 -7.48 -14.23
N PRO C 164 -23.07 -7.30 -15.15
CA PRO C 164 -23.50 -5.94 -15.51
C PRO C 164 -24.17 -5.23 -14.33
N VAL C 165 -23.98 -3.93 -14.24
CA VAL C 165 -24.48 -3.14 -13.13
C VAL C 165 -25.82 -2.54 -13.53
N PRO C 166 -26.90 -2.92 -12.86
CA PRO C 166 -28.21 -2.34 -13.15
C PRO C 166 -28.16 -0.82 -13.09
N GLY C 167 -28.52 -0.19 -14.21
CA GLY C 167 -28.68 1.25 -14.27
C GLY C 167 -27.42 2.05 -14.57
N ALA C 168 -26.32 1.36 -14.88
CA ALA C 168 -25.06 2.05 -15.13
C ALA C 168 -25.04 2.69 -16.52
N PRO C 169 -24.00 3.14 -17.01
N SER D 10 -4.35 13.60 1.35
CA SER D 10 -5.37 13.87 2.41
C SER D 10 -6.78 13.53 1.90
N GLY D 11 -7.22 14.21 0.84
CA GLY D 11 -8.46 13.84 0.18
C GLY D 11 -8.27 12.49 -0.50
N MET D 12 -9.26 11.60 -0.37
CA MET D 12 -9.21 10.25 -0.94
C MET D 12 -10.30 10.11 -1.98
N ARG D 13 -10.01 9.38 -3.06
CA ARG D 13 -11.03 8.92 -3.98
C ARG D 13 -11.66 7.65 -3.39
N VAL D 14 -12.98 7.59 -3.37
CA VAL D 14 -13.71 6.51 -2.75
C VAL D 14 -14.79 6.01 -3.67
N TYR D 15 -14.69 4.75 -4.07
CA TYR D 15 -15.69 4.12 -4.91
C TYR D 15 -16.74 3.48 -4.02
N LEU D 16 -18.01 3.81 -4.25
CA LEU D 16 -19.10 3.28 -3.41
C LEU D 16 -20.05 2.40 -4.20
N GLY D 17 -20.47 1.31 -3.55
CA GLY D 17 -21.47 0.41 -4.12
C GLY D 17 -22.47 0.00 -3.06
N ALA D 18 -23.72 -0.20 -3.47
CA ALA D 18 -24.77 -0.59 -2.53
C ALA D 18 -25.98 -1.13 -3.26
N ASP D 19 -26.66 -2.08 -2.64
CA ASP D 19 -27.97 -2.52 -3.11
C ASP D 19 -29.05 -1.70 -2.39
N HIS D 20 -30.30 -2.08 -2.60
CA HIS D 20 -31.45 -1.42 -1.94
C HIS D 20 -31.30 -1.21 -0.43
N ALA D 21 -30.69 -2.17 0.25
CA ALA D 21 -30.61 -2.14 1.72
C ALA D 21 -29.58 -1.13 2.23
N GLY D 22 -28.60 -0.80 1.40
CA GLY D 22 -27.59 0.18 1.73
C GLY D 22 -27.70 1.48 0.94
N TYR D 23 -28.75 1.59 0.12
CA TYR D 23 -28.87 2.71 -0.83
C TYR D 23 -28.93 4.06 -0.14
N GLU D 24 -29.82 4.21 0.84
CA GLU D 24 -30.06 5.49 1.47
C GLU D 24 -28.83 5.92 2.25
N LEU D 25 -28.18 4.98 2.96
CA LEU D 25 -26.95 5.29 3.67
C LEU D 25 -25.84 5.68 2.71
N LYS D 26 -25.76 4.99 1.57
CA LYS D 26 -24.76 5.33 0.55
C LYS D 26 -24.89 6.80 0.11
N GLN D 27 -26.11 7.24 -0.14
CA GLN D 27 -26.33 8.62 -0.59
C GLN D 27 -25.90 9.62 0.49
N ARG D 28 -26.13 9.29 1.76
CA ARG D 28 -25.67 10.11 2.89
C ARG D 28 -24.14 10.15 3.00
N ILE D 29 -23.49 9.01 2.79
CA ILE D 29 -22.04 8.94 2.83
C ILE D 29 -21.41 9.71 1.67
N ILE D 30 -22.03 9.66 0.49
CA ILE D 30 -21.51 10.41 -0.65
C ILE D 30 -21.49 11.90 -0.30
N GLU D 31 -22.58 12.38 0.28
CA GLU D 31 -22.69 13.79 0.67
C GLU D 31 -21.65 14.14 1.74
N HIS D 32 -21.51 13.28 2.74
CA HIS D 32 -20.57 13.47 3.83
C HIS D 32 -19.13 13.54 3.30
N LEU D 33 -18.82 12.68 2.33
CA LEU D 33 -17.47 12.62 1.77
C LEU D 33 -17.16 13.88 0.97
N LYS D 34 -18.15 14.39 0.24
CA LYS D 34 -18.01 15.64 -0.50
C LYS D 34 -17.73 16.79 0.46
N GLN D 35 -18.46 16.83 1.57
CA GLN D 35 -18.36 17.92 2.53
C GLN D 35 -17.07 17.86 3.35
N THR D 36 -16.42 16.69 3.39
CA THR D 36 -15.19 16.52 4.17
C THR D 36 -13.92 16.43 3.30
N GLY D 37 -14.02 16.80 2.03
CA GLY D 37 -12.85 16.99 1.19
C GLY D 37 -12.44 15.79 0.31
N HIS D 38 -13.23 14.72 0.35
CA HIS D 38 -12.98 13.50 -0.43
C HIS D 38 -13.74 13.48 -1.76
N GLU D 39 -13.45 12.47 -2.58
CA GLU D 39 -13.99 12.37 -3.94
C GLU D 39 -14.75 11.04 -4.08
N PRO D 40 -16.02 11.04 -3.69
CA PRO D 40 -16.87 9.86 -3.85
C PRO D 40 -17.27 9.59 -5.30
N ILE D 41 -17.18 8.32 -5.70
CA ILE D 41 -17.58 7.91 -7.03
C ILE D 41 -18.62 6.82 -6.84
N ASP D 42 -19.82 7.07 -7.36
CA ASP D 42 -20.95 6.19 -7.13
C ASP D 42 -21.01 5.12 -8.21
N CYS D 43 -20.85 3.85 -7.82
CA CYS D 43 -20.92 2.72 -8.76
C CYS D 43 -22.34 2.14 -8.87
N GLY D 44 -23.30 2.69 -8.15
CA GLY D 44 -24.65 2.13 -8.09
C GLY D 44 -24.89 1.40 -6.77
N ALA D 45 -26.15 1.12 -6.43
CA ALA D 45 -27.30 1.37 -7.29
C ALA D 45 -27.62 2.87 -7.31
N LEU D 46 -28.10 3.36 -8.44
CA LEU D 46 -28.39 4.79 -8.61
C LEU D 46 -29.82 5.16 -8.25
N ARG D 47 -30.64 4.16 -8.01
CA ARG D 47 -32.04 4.32 -7.59
C ARG D 47 -32.36 3.19 -6.60
N TYR D 48 -33.36 3.41 -5.74
CA TYR D 48 -33.86 2.36 -4.86
C TYR D 48 -34.67 1.35 -5.68
N ASP D 49 -34.23 0.08 -5.63
CA ASP D 49 -34.97 -1.03 -6.21
C ASP D 49 -34.94 -2.13 -5.17
N ALA D 50 -36.06 -2.29 -4.48
CA ALA D 50 -36.20 -3.23 -3.38
C ALA D 50 -35.80 -4.67 -3.68
N ASP D 51 -35.77 -5.04 -4.95
CA ASP D 51 -35.48 -6.41 -5.35
C ASP D 51 -34.08 -6.63 -5.89
N ASP D 52 -33.29 -5.58 -5.99
CA ASP D 52 -32.00 -5.69 -6.65
C ASP D 52 -30.98 -6.52 -5.86
N ASP D 53 -29.90 -6.87 -6.56
CA ASP D 53 -28.94 -7.88 -6.12
C ASP D 53 -27.57 -7.25 -5.91
N TYR D 54 -27.06 -7.37 -4.70
CA TYR D 54 -25.85 -6.67 -4.30
C TYR D 54 -24.55 -7.00 -5.07
N PRO D 55 -24.32 -8.26 -5.50
CA PRO D 55 -23.00 -8.63 -6.04
C PRO D 55 -22.43 -7.71 -7.12
N ALA D 56 -23.23 -7.36 -8.11
CA ALA D 56 -22.75 -6.54 -9.22
C ALA D 56 -22.19 -5.19 -8.74
N PHE D 57 -22.85 -4.58 -7.76
CA PHE D 57 -22.40 -3.26 -7.28
C PHE D 57 -21.12 -3.36 -6.47
N CYS D 58 -21.00 -4.44 -5.69
CA CYS D 58 -19.84 -4.64 -4.84
C CYS D 58 -18.61 -5.03 -5.66
N ILE D 59 -18.82 -5.90 -6.65
CA ILE D 59 -17.76 -6.28 -7.58
C ILE D 59 -17.28 -5.05 -8.36
N ALA D 60 -18.22 -4.20 -8.79
CA ALA D 60 -17.87 -3.00 -9.52
C ALA D 60 -16.97 -2.09 -8.67
N ALA D 61 -17.40 -1.80 -7.44
CA ALA D 61 -16.63 -0.92 -6.56
C ALA D 61 -15.25 -1.49 -6.28
N ALA D 62 -15.18 -2.79 -5.99
CA ALA D 62 -13.89 -3.40 -5.65
C ALA D 62 -12.98 -3.48 -6.85
N THR D 63 -13.54 -3.81 -8.02
CA THR D 63 -12.76 -3.87 -9.24
C THR D 63 -12.16 -2.50 -9.57
N ARG D 64 -12.96 -1.45 -9.48
CA ARG D 64 -12.50 -0.10 -9.78
C ARG D 64 -11.47 0.39 -8.77
N THR D 65 -11.66 0.03 -7.51
CA THR D 65 -10.72 0.37 -6.46
C THR D 65 -9.34 -0.25 -6.70
N VAL D 66 -9.30 -1.53 -7.04
CA VAL D 66 -8.04 -2.22 -7.28
C VAL D 66 -7.31 -1.64 -8.51
N ALA D 67 -8.06 -1.27 -9.53
CA ALA D 67 -7.51 -0.77 -10.78
C ALA D 67 -7.05 0.70 -10.68
N ASP D 68 -7.38 1.34 -9.57
CA ASP D 68 -7.06 2.74 -9.31
C ASP D 68 -6.32 2.85 -7.96
N PRO D 69 -5.06 2.45 -7.96
CA PRO D 69 -4.28 2.36 -6.71
C PRO D 69 -4.27 3.67 -5.95
N GLY D 70 -4.41 3.57 -4.64
CA GLY D 70 -4.48 4.74 -3.78
C GLY D 70 -5.92 5.13 -3.47
N SER D 71 -6.87 4.59 -4.23
CA SER D 71 -8.27 4.81 -3.95
C SER D 71 -8.75 3.84 -2.86
N LEU D 72 -9.92 4.12 -2.33
CA LEU D 72 -10.57 3.27 -1.36
C LEU D 72 -11.96 2.98 -1.88
N GLY D 73 -12.67 2.08 -1.22
CA GLY D 73 -14.00 1.69 -1.62
C GLY D 73 -14.84 1.39 -0.39
N ILE D 74 -16.14 1.61 -0.50
CA ILE D 74 -17.06 1.27 0.58
C ILE D 74 -18.26 0.59 -0.05
N VAL D 75 -18.63 -0.57 0.46
CA VAL D 75 -19.81 -1.28 -0.02
C VAL D 75 -20.81 -1.37 1.12
N LEU D 76 -22.09 -1.11 0.83
CA LEU D 76 -23.12 -1.00 1.84
C LEU D 76 -24.28 -1.97 1.56
N GLY D 77 -24.73 -2.64 2.60
CA GLY D 77 -25.93 -3.46 2.51
C GLY D 77 -26.67 -3.40 3.83
N GLY D 78 -27.44 -4.43 4.14
CA GLY D 78 -28.12 -4.49 5.41
C GLY D 78 -27.16 -4.76 6.55
N SER D 79 -26.47 -5.88 6.47
CA SER D 79 -25.42 -6.24 7.42
C SER D 79 -24.02 -5.86 6.90
N GLY D 80 -23.88 -5.72 5.58
CA GLY D 80 -22.56 -5.53 4.98
C GLY D 80 -21.79 -6.82 4.69
N ASN D 81 -22.27 -7.96 5.18
CA ASN D 81 -21.52 -9.22 5.06
C ASN D 81 -21.52 -9.83 3.68
N GLY D 82 -22.70 -9.97 3.07
CA GLY D 82 -22.77 -10.39 1.68
C GLY D 82 -21.92 -9.52 0.80
N GLU D 83 -21.92 -8.22 1.10
CA GLU D 83 -21.26 -7.21 0.28
C GLU D 83 -19.72 -7.33 0.39
N GLN D 84 -19.18 -7.47 1.60
CA GLN D 84 -17.74 -7.69 1.76
C GLN D 84 -17.30 -9.03 1.18
N ILE D 85 -18.15 -10.05 1.30
CA ILE D 85 -17.83 -11.35 0.72
C ILE D 85 -17.66 -11.21 -0.80
N ALA D 86 -18.58 -10.49 -1.44
CA ALA D 86 -18.54 -10.27 -2.87
C ALA D 86 -17.30 -9.47 -3.29
N ALA D 87 -17.02 -8.41 -2.54
CA ALA D 87 -15.86 -7.56 -2.79
C ALA D 87 -14.56 -8.35 -2.68
N ASN D 88 -14.51 -9.25 -1.72
CA ASN D 88 -13.32 -10.07 -1.52
C ASN D 88 -13.06 -11.11 -2.61
N LYS D 89 -14.05 -11.39 -3.45
CA LYS D 89 -13.82 -12.27 -4.59
C LYS D 89 -13.02 -11.60 -5.71
N VAL D 90 -12.95 -10.26 -5.71
CA VAL D 90 -12.21 -9.53 -6.75
C VAL D 90 -10.69 -9.68 -6.54
N PRO D 91 -9.96 -10.11 -7.57
CA PRO D 91 -8.51 -10.25 -7.45
C PRO D 91 -7.85 -8.95 -6.97
N GLY D 92 -7.08 -9.07 -5.90
CA GLY D 92 -6.35 -7.94 -5.35
C GLY D 92 -7.08 -7.13 -4.31
N ALA D 93 -8.37 -7.40 -4.10
CA ALA D 93 -9.17 -6.62 -3.17
C ALA D 93 -9.09 -7.24 -1.76
N ARG D 94 -9.05 -6.35 -0.76
CA ARG D 94 -9.15 -6.75 0.63
C ARG D 94 -10.24 -5.89 1.26
N CYS D 95 -11.35 -6.52 1.64
CA CYS D 95 -12.52 -5.83 2.14
C CYS D 95 -12.83 -6.30 3.55
N ALA D 96 -12.67 -5.39 4.49
CA ALA D 96 -13.00 -5.67 5.89
C ALA D 96 -14.46 -5.35 6.11
N LEU D 97 -15.04 -5.92 7.16
CA LEU D 97 -16.34 -5.45 7.63
C LEU D 97 -16.08 -4.48 8.77
N ALA D 98 -16.48 -3.23 8.59
CA ALA D 98 -16.33 -2.19 9.61
C ALA D 98 -17.65 -2.02 10.34
N TRP D 99 -17.64 -2.35 11.63
CA TRP D 99 -18.83 -2.17 12.49
C TRP D 99 -18.55 -1.22 13.67
N SER D 100 -17.38 -0.60 13.66
CA SER D 100 -16.98 0.33 14.70
C SER D 100 -15.82 1.18 14.20
N VAL D 101 -15.59 2.31 14.86
CA VAL D 101 -14.43 3.15 14.56
C VAL D 101 -13.14 2.34 14.69
N GLN D 102 -13.03 1.52 15.73
CA GLN D 102 -11.86 0.67 15.92
C GLN D 102 -11.62 -0.33 14.76
N THR D 103 -12.67 -1.00 14.30
CA THR D 103 -12.50 -1.98 13.21
C THR D 103 -12.23 -1.31 11.86
N ALA D 104 -12.80 -0.15 11.62
CA ALA D 104 -12.48 0.65 10.42
C ALA D 104 -11.01 1.08 10.43
N ALA D 105 -10.55 1.59 11.56
CA ALA D 105 -9.15 2.00 11.69
C ALA D 105 -8.20 0.83 11.51
N LEU D 106 -8.50 -0.30 12.16
CA LEU D 106 -7.62 -1.48 12.12
C LEU D 106 -7.59 -2.11 10.73
N ALA D 107 -8.69 -1.98 9.99
CA ALA D 107 -8.78 -2.49 8.62
C ALA D 107 -7.70 -1.84 7.78
N ARG D 108 -7.50 -0.53 7.94
CA ARG D 108 -6.42 0.19 7.27
C ARG D 108 -5.05 -0.10 7.87
N GLU D 109 -4.96 0.00 9.20
CA GLU D 109 -3.68 -0.09 9.91
C GLU D 109 -2.98 -1.42 9.75
N HIS D 110 -3.76 -2.48 9.89
CA HIS D 110 -3.26 -3.84 9.96
C HIS D 110 -3.48 -4.60 8.64
N ASN D 111 -4.65 -4.46 8.04
CA ASN D 111 -4.97 -5.27 6.85
C ASN D 111 -4.70 -4.56 5.52
N ASN D 112 -4.35 -3.28 5.57
CA ASN D 112 -4.28 -2.44 4.37
C ASN D 112 -5.51 -2.62 3.49
N ALA D 113 -6.68 -2.73 4.10
CA ALA D 113 -7.90 -2.99 3.36
C ALA D 113 -8.24 -1.76 2.50
N GLN D 114 -8.39 -1.96 1.21
CA GLN D 114 -8.79 -0.86 0.33
C GLN D 114 -10.29 -0.61 0.44
N LEU D 115 -11.05 -1.61 0.89
CA LEU D 115 -12.49 -1.49 1.03
C LEU D 115 -12.98 -1.91 2.41
N ILE D 116 -14.12 -1.35 2.81
CA ILE D 116 -14.91 -1.87 3.93
C ILE D 116 -16.35 -2.06 3.51
N GLY D 117 -16.99 -3.04 4.12
CA GLY D 117 -18.43 -3.16 4.10
C GLY D 117 -18.98 -2.53 5.37
N ILE D 118 -20.14 -1.89 5.24
CA ILE D 118 -20.88 -1.38 6.39
C ILE D 118 -22.32 -1.87 6.27
N GLY D 119 -22.88 -2.32 7.39
CA GLY D 119 -24.27 -2.71 7.45
C GLY D 119 -25.09 -1.51 7.87
N GLY D 120 -25.79 -0.90 6.92
CA GLY D 120 -26.66 0.23 7.18
C GLY D 120 -27.71 0.01 8.23
N ARG D 121 -28.25 -1.21 8.31
CA ARG D 121 -29.28 -1.54 9.28
C ARG D 121 -28.75 -1.74 10.71
N MET D 122 -27.42 -1.72 10.87
CA MET D 122 -26.79 -1.95 12.16
C MET D 122 -26.40 -0.69 12.92
N HIS D 123 -26.39 0.47 12.25
CA HIS D 123 -25.89 1.68 12.88
C HIS D 123 -26.79 2.90 12.66
N THR D 124 -26.70 3.86 13.56
CA THR D 124 -27.26 5.19 13.29
C THR D 124 -26.41 5.84 12.23
N VAL D 125 -26.93 6.90 11.61
CA VAL D 125 -26.19 7.63 10.58
C VAL D 125 -24.90 8.19 11.18
N ALA D 126 -24.99 8.81 12.35
CA ALA D 126 -23.80 9.33 13.03
C ALA D 126 -22.73 8.26 13.22
N GLU D 127 -23.15 7.08 13.69
CA GLU D 127 -22.22 5.97 13.93
C GLU D 127 -21.55 5.53 12.63
N ALA D 128 -22.32 5.49 11.55
CA ALA D 128 -21.83 5.06 10.24
C ALA D 128 -20.86 6.10 9.65
N LEU D 129 -21.17 7.38 9.81
CA LEU D 129 -20.27 8.42 9.34
C LEU D 129 -18.97 8.44 10.13
N ALA D 130 -19.02 8.10 11.41
CA ALA D 130 -17.81 7.98 12.24
C ALA D 130 -16.93 6.81 11.77
N ILE D 131 -17.57 5.73 11.34
CA ILE D 131 -16.85 4.59 10.77
C ILE D 131 -16.16 5.01 9.46
N VAL D 132 -16.89 5.72 8.60
CA VAL D 132 -16.35 6.21 7.33
C VAL D 132 -15.16 7.15 7.59
N ASP D 133 -15.29 8.08 8.53
CA ASP D 133 -14.20 9.01 8.83
C ASP D 133 -12.94 8.27 9.23
N ALA D 134 -13.08 7.25 10.07
CA ALA D 134 -11.95 6.48 10.55
C ALA D 134 -11.27 5.71 9.41
N PHE D 135 -12.09 5.20 8.50
CA PHE D 135 -11.59 4.42 7.37
C PHE D 135 -10.79 5.28 6.38
N VAL D 136 -11.30 6.47 6.09
CA VAL D 136 -10.64 7.32 5.08
C VAL D 136 -9.48 8.16 5.63
N THR D 137 -9.26 8.16 6.94
CA THR D 137 -8.16 8.95 7.52
C THR D 137 -7.03 8.12 8.10
N THR D 138 -7.30 6.85 8.41
CA THR D 138 -6.32 6.02 9.09
C THR D 138 -5.30 5.47 8.09
N PRO D 139 -4.01 5.71 8.35
CA PRO D 139 -2.97 5.23 7.45
C PRO D 139 -2.67 3.74 7.64
N TRP D 140 -2.25 3.11 6.55
CA TRP D 140 -1.65 1.79 6.55
C TRP D 140 -0.29 1.85 7.27
N SER D 141 -0.08 0.98 8.25
CA SER D 141 1.11 1.00 9.10
C SER D 141 2.40 0.58 8.38
N LYS D 142 2.26 -0.31 7.40
CA LYS D 142 3.40 -0.88 6.65
C LYS D 142 4.31 -1.77 7.51
N ALA D 143 3.82 -2.24 8.67
CA ALA D 143 4.61 -3.11 9.53
C ALA D 143 4.92 -4.44 8.85
N GLN D 144 6.13 -4.95 9.10
CA GLN D 144 6.62 -6.16 8.45
C GLN D 144 5.66 -7.32 8.53
N ARG D 145 5.11 -7.58 9.72
CA ARG D 145 4.27 -8.77 9.88
C ARG D 145 2.99 -8.65 9.06
N HIS D 146 2.46 -7.44 8.98
CA HIS D 146 1.23 -7.21 8.22
C HIS D 146 1.48 -7.36 6.74
N GLN D 147 2.58 -6.81 6.24
CA GLN D 147 2.91 -7.01 4.83
C GLN D 147 3.17 -8.49 4.53
N ARG D 148 3.79 -9.22 5.47
CA ARG D 148 4.12 -10.63 5.25
C ARG D 148 2.83 -11.45 5.06
N ARG D 149 1.85 -11.19 5.91
CA ARG D 149 0.57 -11.85 5.86
C ARG D 149 -0.19 -11.51 4.58
N ILE D 150 -0.16 -10.24 4.21
CA ILE D 150 -0.70 -9.82 2.92
C ILE D 150 -0.05 -10.57 1.75
N ASP D 151 1.26 -10.75 1.82
CA ASP D 151 2.01 -11.43 0.75
C ASP D 151 1.67 -12.91 0.66
N ILE D 152 1.50 -13.57 1.81
CA ILE D 152 1.12 -14.99 1.86
C ILE D 152 -0.24 -15.16 1.19
N LEU D 153 -1.20 -14.30 1.55
CA LEU D 153 -2.52 -14.41 0.96
C LEU D 153 -2.52 -14.09 -0.54
N ALA D 154 -1.75 -13.08 -0.95
CA ALA D 154 -1.65 -12.72 -2.37
C ALA D 154 -1.08 -13.88 -3.20
N GLU D 155 -0.12 -14.61 -2.62
CA GLU D 155 0.47 -15.74 -3.33
C GLU D 155 -0.55 -16.87 -3.47
N TYR D 156 -1.36 -17.08 -2.43
CA TYR D 156 -2.45 -18.04 -2.51
C TYR D 156 -3.47 -17.61 -3.58
N GLU D 157 -3.79 -16.32 -3.63
CA GLU D 157 -4.69 -15.78 -4.64
C GLU D 157 -4.14 -15.97 -6.06
N ARG D 158 -2.83 -15.92 -6.19
CA ARG D 158 -2.16 -16.11 -7.48
C ARG D 158 -2.26 -17.56 -7.99
N THR D 159 -2.10 -18.55 -7.10
CA THR D 159 -1.98 -19.95 -7.52
C THR D 159 -3.11 -20.89 -7.09
N HIS D 160 -3.88 -20.46 -6.10
CA HIS D 160 -4.85 -21.29 -5.37
C HIS D 160 -4.27 -22.56 -4.76
N GLU D 161 -2.98 -22.54 -4.47
CA GLU D 161 -2.32 -23.64 -3.77
C GLU D 161 -2.22 -23.23 -2.30
N ALA D 162 -2.97 -23.91 -1.43
CA ALA D 162 -2.98 -23.57 0.00
C ALA D 162 -1.59 -23.71 0.60
N PRO D 163 -1.11 -22.69 1.30
CA PRO D 163 0.22 -22.77 1.90
C PRO D 163 0.17 -23.71 3.11
N PRO D 164 1.24 -24.48 3.34
CA PRO D 164 1.24 -25.42 4.47
C PRO D 164 1.17 -24.71 5.81
N VAL D 165 0.47 -25.30 6.78
CA VAL D 165 0.49 -24.79 8.15
C VAL D 165 1.81 -25.22 8.79
N PRO D 166 2.28 -24.50 9.81
CA PRO D 166 3.57 -24.83 10.46
C PRO D 166 3.64 -26.27 11.02
N GLY D 167 4.72 -26.87 11.10
N GLY E 11 11.61 30.99 25.73
CA GLY E 11 11.89 29.95 24.70
C GLY E 11 12.70 28.79 25.29
N MET E 12 12.15 27.58 25.22
CA MET E 12 12.78 26.37 25.73
C MET E 12 13.46 25.58 24.61
N ARG E 13 14.64 25.06 24.88
CA ARG E 13 15.24 24.02 24.05
C ARG E 13 14.58 22.69 24.43
N VAL E 14 14.07 21.96 23.44
CA VAL E 14 13.34 20.72 23.68
C VAL E 14 13.84 19.61 22.75
N TYR E 15 14.42 18.56 23.31
CA TYR E 15 14.90 17.42 22.57
C TYR E 15 13.76 16.42 22.36
N LEU E 16 13.56 15.97 21.13
CA LEU E 16 12.44 15.07 20.85
C LEU E 16 12.91 13.74 20.29
N GLY E 17 12.26 12.67 20.72
CA GLY E 17 12.55 11.34 20.20
C GLY E 17 11.26 10.61 19.97
N ALA E 18 11.22 9.77 18.94
CA ALA E 18 10.04 8.97 18.66
C ALA E 18 10.36 7.85 17.70
N ASP E 19 9.74 6.69 17.88
CA ASP E 19 9.77 5.65 16.87
C ASP E 19 8.64 5.91 15.87
N HIS E 20 8.41 4.95 14.98
CA HIS E 20 7.36 5.03 13.97
C HIS E 20 5.98 5.43 14.49
N ALA E 21 5.63 4.93 15.68
CA ALA E 21 4.30 5.15 16.26
C ALA E 21 4.08 6.60 16.71
N GLY E 22 5.15 7.28 17.07
CA GLY E 22 5.09 8.67 17.44
C GLY E 22 5.65 9.60 16.40
N TYR E 23 6.06 9.08 15.24
CA TYR E 23 6.80 9.88 14.26
C TYR E 23 6.01 11.08 13.72
N GLU E 24 4.76 10.84 13.33
CA GLU E 24 3.96 11.89 12.71
C GLU E 24 3.63 12.98 13.72
N LEU E 25 3.32 12.60 14.96
CA LEU E 25 3.03 13.55 16.02
C LEU E 25 4.26 14.37 16.36
N LYS E 26 5.44 13.72 16.35
CA LYS E 26 6.69 14.41 16.62
C LYS E 26 6.91 15.53 15.60
N GLN E 27 6.63 15.26 14.33
CA GLN E 27 6.82 16.26 13.29
C GLN E 27 5.89 17.45 13.52
N ARG E 28 4.66 17.18 13.95
CA ARG E 28 3.68 18.23 14.24
C ARG E 28 4.10 19.06 15.46
N ILE E 29 4.66 18.40 16.46
CA ILE E 29 5.10 19.07 17.67
C ILE E 29 6.32 19.93 17.39
N ILE E 30 7.20 19.45 16.50
CA ILE E 30 8.39 20.23 16.13
C ILE E 30 7.95 21.53 15.44
N GLU E 31 6.97 21.44 14.55
CA GLU E 31 6.45 22.64 13.88
C GLU E 31 5.78 23.56 14.91
N HIS E 32 5.04 22.97 15.85
CA HIS E 32 4.29 23.73 16.85
C HIS E 32 5.20 24.48 17.80
N LEU E 33 6.29 23.82 18.21
CA LEU E 33 7.27 24.44 19.09
C LEU E 33 8.02 25.56 18.36
N LYS E 34 8.34 25.36 17.09
CA LYS E 34 8.97 26.43 16.30
C LYS E 34 8.05 27.66 16.29
N GLN E 35 6.77 27.43 16.06
CA GLN E 35 5.78 28.50 15.92
C GLN E 35 5.54 29.27 17.23
N THR E 36 5.68 28.58 18.36
CA THR E 36 5.40 29.18 19.68
C THR E 36 6.67 29.68 20.39
N GLY E 37 7.76 29.81 19.65
CA GLY E 37 8.97 30.48 20.14
C GLY E 37 9.99 29.61 20.84
N HIS E 38 9.89 28.30 20.66
CA HIS E 38 10.83 27.36 21.28
C HIS E 38 11.84 26.82 20.27
N GLU E 39 12.77 26.00 20.74
CA GLU E 39 13.82 25.43 19.91
C GLU E 39 13.80 23.90 19.96
N PRO E 40 12.98 23.27 19.12
CA PRO E 40 12.94 21.81 19.06
C PRO E 40 14.21 21.23 18.42
N ILE E 41 14.77 20.17 19.01
CA ILE E 41 15.91 19.46 18.45
C ILE E 41 15.49 18.01 18.24
N ASP E 42 15.48 17.57 16.98
CA ASP E 42 15.04 16.23 16.62
C ASP E 42 16.16 15.21 16.86
N CYS E 43 15.94 14.25 17.76
CA CYS E 43 16.90 13.16 17.98
C CYS E 43 16.63 11.90 17.14
N GLY E 44 15.56 11.91 16.36
CA GLY E 44 15.16 10.76 15.55
C GLY E 44 13.88 10.17 16.13
N ALA E 45 13.15 9.35 15.38
CA ALA E 45 13.51 8.95 14.02
C ALA E 45 13.30 10.10 13.04
N LEU E 46 14.21 10.22 12.09
CA LEU E 46 14.15 11.29 11.09
C LEU E 46 13.28 10.92 9.90
N ARG E 47 12.92 9.64 9.79
CA ARG E 47 11.94 9.23 8.80
C ARG E 47 11.13 8.03 9.30
N TYR E 48 9.97 7.83 8.69
CA TYR E 48 9.07 6.75 9.10
C TYR E 48 9.68 5.41 8.71
N ASP E 49 9.88 4.55 9.72
CA ASP E 49 10.25 3.15 9.53
C ASP E 49 9.38 2.34 10.47
N ALA E 50 8.38 1.67 9.89
CA ALA E 50 7.34 0.95 10.65
C ALA E 50 7.87 -0.11 11.61
N ASP E 51 9.07 -0.61 11.36
CA ASP E 51 9.64 -1.69 12.16
C ASP E 51 10.69 -1.24 13.17
N ASP E 52 10.94 0.07 13.24
CA ASP E 52 12.02 0.58 14.11
C ASP E 52 11.67 0.47 15.60
N ASP E 53 12.70 0.63 16.43
CA ASP E 53 12.66 0.30 17.84
C ASP E 53 12.86 1.56 18.68
N TYR E 54 11.91 1.85 19.55
CA TYR E 54 11.90 3.12 20.30
C TYR E 54 13.07 3.36 21.28
N PRO E 55 13.64 2.35 21.95
CA PRO E 55 14.60 2.66 23.02
C PRO E 55 15.74 3.61 22.63
N ALA E 56 16.37 3.43 21.47
CA ALA E 56 17.53 4.26 21.13
C ALA E 56 17.15 5.74 21.01
N PHE E 57 15.97 6.04 20.48
CA PHE E 57 15.54 7.43 20.33
C PHE E 57 15.23 8.07 21.67
N CYS E 58 14.61 7.29 22.57
CA CYS E 58 14.23 7.79 23.88
C CYS E 58 15.46 7.99 24.76
N ILE E 59 16.41 7.05 24.67
CA ILE E 59 17.66 7.17 25.40
C ILE E 59 18.44 8.39 24.89
N ALA E 60 18.43 8.60 23.58
CA ALA E 60 19.09 9.78 23.00
C ALA E 60 18.47 11.09 23.51
N ALA E 61 17.15 11.20 23.44
CA ALA E 61 16.47 12.41 23.91
C ALA E 61 16.72 12.66 25.40
N ALA E 62 16.61 11.63 26.22
CA ALA E 62 16.79 11.76 27.67
C ALA E 62 18.23 12.11 28.05
N THR E 63 19.19 11.45 27.41
CA THR E 63 20.61 11.70 27.64
C THR E 63 21.00 13.14 27.28
N ARG E 64 20.54 13.63 26.13
CA ARG E 64 20.88 15.00 25.71
C ARG E 64 20.23 16.06 26.59
N THR E 65 19.01 15.79 27.03
CA THR E 65 18.28 16.67 27.95
C THR E 65 19.02 16.80 29.28
N VAL E 66 19.45 15.69 29.85
CA VAL E 66 20.14 15.71 31.13
C VAL E 66 21.51 16.40 31.02
N ALA E 67 22.15 16.24 29.86
CA ALA E 67 23.46 16.82 29.61
C ALA E 67 23.40 18.32 29.27
N ASP E 68 22.19 18.86 29.12
CA ASP E 68 21.95 20.25 28.79
C ASP E 68 20.94 20.86 29.78
N PRO E 69 21.42 21.15 30.99
CA PRO E 69 20.54 21.67 32.06
C PRO E 69 19.72 22.89 31.65
N GLY E 70 18.43 22.89 31.99
CA GLY E 70 17.54 23.96 31.58
C GLY E 70 16.73 23.60 30.34
N SER E 71 17.13 22.52 29.66
CA SER E 71 16.37 22.02 28.52
C SER E 71 15.32 21.02 29.00
N LEU E 72 14.41 20.70 28.09
CA LEU E 72 13.39 19.72 28.31
C LEU E 72 13.43 18.70 27.17
N GLY E 73 12.63 17.66 27.29
CA GLY E 73 12.57 16.62 26.28
C GLY E 73 11.19 16.01 26.21
N ILE E 74 10.82 15.53 25.02
CA ILE E 74 9.54 14.84 24.84
C ILE E 74 9.79 13.58 24.03
N VAL E 75 9.31 12.46 24.53
CA VAL E 75 9.37 11.22 23.78
C VAL E 75 7.95 10.78 23.40
N LEU E 76 7.78 10.34 22.15
CA LEU E 76 6.46 10.05 21.61
C LEU E 76 6.39 8.60 21.14
N GLY E 77 5.31 7.92 21.50
CA GLY E 77 5.05 6.59 20.97
C GLY E 77 3.56 6.41 20.78
N GLY E 78 3.12 5.15 20.77
CA GLY E 78 1.70 4.86 20.67
C GLY E 78 0.97 5.19 21.96
N SER E 79 1.41 4.55 23.04
CA SER E 79 0.92 4.85 24.39
C SER E 79 1.85 5.79 25.15
N GLY E 80 3.12 5.85 24.77
CA GLY E 80 4.12 6.62 25.49
C GLY E 80 4.78 5.88 26.64
N ASN E 81 4.24 4.72 27.01
CA ASN E 81 4.72 4.03 28.21
C ASN E 81 6.07 3.34 28.03
N GLY E 82 6.27 2.63 26.93
CA GLY E 82 7.58 2.06 26.61
C GLY E 82 8.63 3.16 26.57
N GLU E 83 8.21 4.30 26.01
CA GLU E 83 9.09 5.43 25.76
C GLU E 83 9.56 6.11 27.06
N GLN E 84 8.64 6.36 27.99
CA GLN E 84 9.02 6.93 29.28
C GLN E 84 9.83 5.92 30.13
N ILE E 85 9.53 4.63 30.01
CA ILE E 85 10.31 3.62 30.75
C ILE E 85 11.77 3.69 30.31
N ALA E 86 11.98 3.75 29.00
CA ALA E 86 13.31 3.83 28.42
C ALA E 86 14.02 5.11 28.86
N ALA E 87 13.33 6.24 28.79
CA ALA E 87 13.90 7.52 29.18
C ALA E 87 14.32 7.52 30.63
N ASN E 88 13.52 6.87 31.49
CA ASN E 88 13.78 6.85 32.93
C ASN E 88 14.98 5.97 33.32
N LYS E 89 15.45 5.14 32.40
CA LYS E 89 16.65 4.37 32.64
C LYS E 89 17.92 5.23 32.55
N VAL E 90 17.82 6.39 31.92
CA VAL E 90 18.96 7.30 31.78
C VAL E 90 19.28 7.96 33.13
N PRO E 91 20.51 7.83 33.62
CA PRO E 91 20.89 8.48 34.88
C PRO E 91 20.51 9.97 34.87
N GLY E 92 19.82 10.42 35.91
CA GLY E 92 19.49 11.82 36.08
C GLY E 92 18.19 12.25 35.42
N ALA E 93 17.58 11.38 34.61
CA ALA E 93 16.34 11.72 33.90
C ALA E 93 15.12 11.38 34.74
N ARG E 94 14.13 12.25 34.64
CA ARG E 94 12.82 12.04 35.22
C ARG E 94 11.82 12.28 34.09
N CYS E 95 11.18 11.22 33.65
CA CYS E 95 10.25 11.28 32.53
C CYS E 95 8.88 10.83 32.99
N ALA E 96 7.93 11.76 33.00
CA ALA E 96 6.55 11.47 33.36
C ALA E 96 5.79 11.05 32.12
N LEU E 97 4.68 10.36 32.29
CA LEU E 97 3.74 10.16 31.19
C LEU E 97 2.65 11.22 31.30
N ALA E 98 2.58 12.09 30.30
CA ALA E 98 1.60 13.18 30.26
C ALA E 98 0.47 12.74 29.36
N TRP E 99 -0.70 12.59 29.97
CA TRP E 99 -1.93 12.22 29.22
C TRP E 99 -3.04 13.27 29.34
N SER E 100 -2.69 14.41 29.92
CA SER E 100 -3.63 15.53 30.13
C SER E 100 -2.81 16.79 30.40
N VAL E 101 -3.45 17.95 30.26
CA VAL E 101 -2.82 19.22 30.61
C VAL E 101 -2.42 19.20 32.08
N GLN E 102 -3.25 18.61 32.93
CA GLN E 102 -2.99 18.56 34.38
C GLN E 102 -1.76 17.72 34.74
N THR E 103 -1.62 16.55 34.11
CA THR E 103 -0.45 15.71 34.38
C THR E 103 0.83 16.29 33.79
N ALA E 104 0.74 16.99 32.67
CA ALA E 104 1.91 17.66 32.09
C ALA E 104 2.38 18.75 33.05
N ALA E 105 1.43 19.52 33.58
CA ALA E 105 1.72 20.60 34.51
C ALA E 105 2.34 20.09 35.80
N LEU E 106 1.72 19.06 36.39
CA LEU E 106 2.19 18.48 37.64
C LEU E 106 3.57 17.83 37.48
N ALA E 107 3.84 17.29 36.31
CA ALA E 107 5.15 16.69 36.05
C ALA E 107 6.24 17.73 36.28
N ARG E 108 6.02 18.95 35.82
CA ARG E 108 6.95 20.06 36.03
C ARG E 108 6.90 20.57 37.49
N GLU E 109 5.69 20.84 37.98
CA GLU E 109 5.48 21.45 39.31
C GLU E 109 6.02 20.63 40.46
N HIS E 110 5.68 19.34 40.45
CA HIS E 110 5.99 18.44 41.56
C HIS E 110 7.23 17.58 41.33
N ASN E 111 7.38 17.04 40.13
CA ASN E 111 8.47 16.10 39.86
C ASN E 111 9.70 16.72 39.22
N ASN E 112 9.61 18.00 38.85
CA ASN E 112 10.65 18.67 38.06
C ASN E 112 11.09 17.77 36.90
N ALA E 113 10.12 17.14 36.26
CA ALA E 113 10.39 16.22 35.15
C ALA E 113 10.97 17.00 33.99
N GLN E 114 12.15 16.62 33.53
CA GLN E 114 12.72 17.26 32.35
C GLN E 114 12.12 16.68 31.07
N LEU E 115 11.52 15.50 31.17
CA LEU E 115 10.88 14.88 30.02
C LEU E 115 9.46 14.43 30.31
N ILE E 116 8.65 14.39 29.25
CA ILE E 116 7.39 13.65 29.25
C ILE E 116 7.35 12.69 28.08
N GLY E 117 6.64 11.59 28.27
CA GLY E 117 6.20 10.75 27.17
C GLY E 117 4.77 11.12 26.85
N ILE E 118 4.42 11.08 25.57
CA ILE E 118 3.04 11.23 25.15
C ILE E 118 2.67 10.07 24.23
N GLY E 119 1.52 9.45 24.48
CA GLY E 119 0.95 8.47 23.58
C GLY E 119 0.11 9.11 22.49
N GLY E 120 0.69 9.24 21.30
CA GLY E 120 0.01 9.84 20.16
C GLY E 120 -1.31 9.20 19.79
N ARG E 121 -1.42 7.89 20.00
CA ARG E 121 -2.64 7.14 19.68
C ARG E 121 -3.80 7.39 20.66
N MET E 122 -3.51 8.10 21.75
CA MET E 122 -4.48 8.32 22.82
C MET E 122 -5.15 9.68 22.75
N HIS E 123 -4.67 10.57 21.89
CA HIS E 123 -5.11 11.96 21.84
C HIS E 123 -5.31 12.47 20.42
N THR E 124 -6.21 13.44 20.25
CA THR E 124 -6.25 14.20 19.02
C THR E 124 -5.00 15.06 18.96
N VAL E 125 -4.68 15.59 17.79
CA VAL E 125 -3.51 16.45 17.65
C VAL E 125 -3.64 17.69 18.56
N ALA E 126 -4.84 18.25 18.63
CA ALA E 126 -5.12 19.40 19.50
C ALA E 126 -4.87 19.10 20.97
N GLU E 127 -5.31 17.93 21.43
CA GLU E 127 -5.16 17.52 22.81
C GLU E 127 -3.66 17.35 23.12
N ALA E 128 -2.93 16.78 22.18
CA ALA E 128 -1.48 16.56 22.34
C ALA E 128 -0.70 17.87 22.38
N LEU E 129 -1.05 18.83 21.54
CA LEU E 129 -0.36 20.12 21.53
C LEU E 129 -0.65 20.93 22.79
N ALA E 130 -1.83 20.76 23.37
CA ALA E 130 -2.17 21.42 24.64
C ALA E 130 -1.34 20.83 25.79
N ILE E 131 -1.06 19.53 25.69
CA ILE E 131 -0.22 18.84 26.68
C ILE E 131 1.20 19.40 26.58
N VAL E 132 1.66 19.59 25.35
CA VAL E 132 2.99 20.13 25.10
C VAL E 132 3.13 21.57 25.63
N ASP E 133 2.11 22.40 25.41
CA ASP E 133 2.12 23.78 25.89
C ASP E 133 2.23 23.80 27.41
N ALA E 134 1.41 22.98 28.08
CA ALA E 134 1.45 22.90 29.53
C ALA E 134 2.86 22.51 30.01
N PHE E 135 3.46 21.56 29.32
CA PHE E 135 4.75 21.03 29.74
C PHE E 135 5.89 22.05 29.62
N VAL E 136 5.91 22.84 28.55
CA VAL E 136 7.00 23.80 28.30
C VAL E 136 6.78 25.18 28.97
N THR E 137 5.59 25.41 29.51
CA THR E 137 5.27 26.69 30.16
C THR E 137 5.18 26.60 31.69
N THR E 138 4.89 25.43 32.22
CA THR E 138 4.67 25.28 33.67
C THR E 138 6.01 25.28 34.42
N PRO E 139 6.16 26.18 35.39
CA PRO E 139 7.40 26.23 36.19
C PRO E 139 7.54 25.10 37.21
N TRP E 140 8.78 24.72 37.48
CA TRP E 140 9.15 23.89 38.63
C TRP E 140 8.93 24.71 39.91
N SER E 141 8.20 24.14 40.87
CA SER E 141 7.80 24.86 42.09
C SER E 141 8.97 25.15 43.05
N LYS E 142 9.98 24.28 43.03
CA LYS E 142 11.13 24.34 43.94
C LYS E 142 10.73 24.09 45.41
N ALA E 143 9.56 23.48 45.64
CA ALA E 143 9.07 23.24 46.99
C ALA E 143 9.93 22.20 47.71
N GLN E 144 10.17 22.45 48.99
CA GLN E 144 11.11 21.68 49.79
C GLN E 144 10.87 20.18 49.74
N ARG E 145 9.61 19.77 49.92
CA ARG E 145 9.30 18.34 49.97
C ARG E 145 9.53 17.67 48.61
N HIS E 146 9.24 18.40 47.53
CA HIS E 146 9.42 17.86 46.18
C HIS E 146 10.91 17.66 45.88
N GLN E 147 11.73 18.64 46.25
CA GLN E 147 13.18 18.49 46.11
C GLN E 147 13.74 17.38 47.01
N ARG E 148 13.22 17.26 48.24
CA ARG E 148 13.66 16.21 49.13
C ARG E 148 13.45 14.83 48.51
N ARG E 149 12.30 14.64 47.86
CA ARG E 149 11.95 13.35 47.27
C ARG E 149 12.79 13.06 46.01
N ILE E 150 12.96 14.07 45.18
CA ILE E 150 13.86 14.00 44.01
C ILE E 150 15.27 13.58 44.45
N ASP E 151 15.77 14.18 45.53
CA ASP E 151 17.11 13.87 46.02
C ASP E 151 17.20 12.44 46.55
N ILE E 152 16.15 11.94 47.21
CA ILE E 152 16.16 10.56 47.69
C ILE E 152 16.30 9.63 46.49
N LEU E 153 15.52 9.89 45.44
CA LEU E 153 15.60 9.05 44.24
C LEU E 153 16.96 9.12 43.56
N ALA E 154 17.52 10.33 43.50
CA ALA E 154 18.84 10.54 42.90
C ALA E 154 19.93 9.77 43.65
N GLU E 155 19.83 9.72 44.97
CA GLU E 155 20.79 8.97 45.78
C GLU E 155 20.66 7.46 45.54
N TYR E 156 19.44 6.98 45.38
CA TYR E 156 19.21 5.59 45.04
C TYR E 156 19.83 5.27 43.66
N GLU E 157 19.65 6.17 42.70
CA GLU E 157 20.26 5.99 41.39
C GLU E 157 21.76 5.84 41.49
N ARG E 158 22.37 6.63 42.37
CA ARG E 158 23.81 6.66 42.52
C ARG E 158 24.37 5.35 43.10
N THR E 159 23.66 4.77 44.07
CA THR E 159 24.16 3.61 44.84
C THR E 159 23.42 2.28 44.61
N HIS E 160 22.20 2.34 44.08
CA HIS E 160 21.26 1.21 44.05
C HIS E 160 21.02 0.53 45.39
N GLU E 161 21.08 1.30 46.46
CA GLU E 161 20.80 0.82 47.79
C GLU E 161 19.47 1.38 48.22
N ALA E 162 18.48 0.50 48.28
CA ALA E 162 17.11 0.90 48.58
C ALA E 162 17.08 1.63 49.92
N PRO E 163 16.44 2.79 49.97
CA PRO E 163 16.27 3.50 51.25
C PRO E 163 15.31 2.77 52.17
N PRO E 164 15.46 2.96 53.48
CA PRO E 164 14.61 2.23 54.44
C PRO E 164 13.15 2.61 54.29
N VAL E 165 12.26 1.65 54.54
CA VAL E 165 10.83 1.88 54.42
C VAL E 165 10.25 2.23 55.79
N PRO E 166 9.72 3.45 55.94
CA PRO E 166 9.07 3.88 57.19
C PRO E 166 7.97 2.91 57.65
N GLY E 167 7.89 2.57 58.83
P PO4 F . 7.61 1.83 -37.57
O1 PO4 F . 6.21 2.35 -37.81
O2 PO4 F . 7.60 0.33 -37.66
O3 PO4 F . 8.07 2.29 -36.22
O4 PO4 F . 8.59 2.36 -38.59
P PO4 G . 20.37 1.85 -4.14
O1 PO4 G . 20.73 2.69 -5.33
O2 PO4 G . 20.15 2.72 -2.93
O3 PO4 G . 21.45 0.84 -3.90
O4 PO4 G . 19.12 1.09 -4.45
P PO4 H . -33.13 -8.48 1.37
O1 PO4 H . -33.44 -8.90 -0.04
O2 PO4 H . -32.99 -6.99 1.48
O3 PO4 H . -31.86 -9.15 1.81
O4 PO4 H . -34.25 -8.88 2.29
P PO4 I . -0.65 -9.18 15.58
O1 PO4 I . -1.15 -8.51 14.32
O2 PO4 I . -0.32 -8.11 16.59
O3 PO4 I . 0.56 -10.00 15.27
O4 PO4 I . -1.75 -10.07 16.13
P PO4 J . 2.20 16.12 48.13
O1 PO4 J . 2.99 16.20 46.82
O2 PO4 J . 1.36 14.87 48.17
O3 PO4 J . 1.27 17.29 48.17
O4 PO4 J . 3.15 16.12 49.27
#